data_6X7W
#
_entry.id   6X7W
#
_cell.length_a   69.881
_cell.length_b   99.229
_cell.length_c   137.900
_cell.angle_alpha   90.000
_cell.angle_beta   90.000
_cell.angle_gamma   90.000
#
_symmetry.space_group_name_H-M   'P 21 21 2'
#
loop_
_entity.id
_entity.type
_entity.pdbx_description
1 polymer 'antibody vFP49.02 heavy chain'
2 polymer 'HIV fusion peptide 512-519'
3 polymer 'antibody vFP49.02 light chain'
4 non-polymer 'SULFATE ION'
5 water water
#
loop_
_entity_poly.entity_id
_entity_poly.type
_entity_poly.pdbx_seq_one_letter_code
_entity_poly.pdbx_strand_id
1 'polypeptide(L)'
;EVMLVESGGGLVKPGGSLKLSCEASGFSFGFYSLSWVRQTPEKRLEWVATIAGSGVGGQTYYPDSVKGRFTISRDNAKNT
LYLQMSSLRSEDTAVFYCARHGEGKYGSNFAYWGQGTTLTVSSASTTPPSVYPLAPGSAAQTNSMVTLGCLVKGYFPEPV
TVTWNSGSLSSGVHTFPAVLQSDLYTLSSSVTVPSSTWPSETVTCNVAHPASSTKVDKKIVPRDCDKGLEVLFQG
;
A,H
2 'polypeptide(L)' (ACE)AVGLGAVF G,D
3 'polypeptide(L)'
;DVVLTQSPATLSVTPGDSVSLSCRASQTISDNLHWYLQKSHESPRLLIKYSSQSISGIPSRFSGSGSGTDFTLNINSVET
EDFGMYFCQQTNSWPLTFGAGTKLELKRTDAAPTVSIFPPSSEQLTSGGASVVCFLNNFYPKDINVKWKIDGSERQNGVL
NSWTDQDSKDSTYSMSSTLTLTKDEYERHNSYTCEATHKTSTSPIVKSFNRNEC
;
L,C
#
loop_
_chem_comp.id
_chem_comp.type
_chem_comp.name
_chem_comp.formula
ACE non-polymer 'ACETYL GROUP' 'C2 H4 O'
SO4 non-polymer 'SULFATE ION' 'O4 S -2'
#
# COMPACT_ATOMS: atom_id res chain seq x y z
N GLU A 1 24.39 19.09 30.89
CA GLU A 1 22.98 19.21 30.54
C GLU A 1 22.14 18.13 31.22
N VAL A 2 21.00 18.53 31.79
CA VAL A 2 20.09 17.59 32.40
C VAL A 2 19.39 16.82 31.29
N MET A 3 19.50 15.50 31.32
CA MET A 3 18.88 14.64 30.31
C MET A 3 17.92 13.67 30.98
N LEU A 4 16.71 13.58 30.43
CA LEU A 4 15.70 12.64 30.88
C LEU A 4 15.13 11.98 29.64
N VAL A 5 15.28 10.66 29.52
CA VAL A 5 14.98 9.98 28.27
C VAL A 5 14.07 8.80 28.58
N GLU A 6 12.78 8.92 28.25
CA GLU A 6 11.80 7.89 28.52
C GLU A 6 11.76 6.85 27.40
N SER A 7 11.42 5.62 27.77
CA SER A 7 11.20 4.55 26.82
C SER A 7 10.11 3.61 27.33
N GLY A 8 9.65 2.73 26.44
CA GLY A 8 8.71 1.68 26.79
C GLY A 8 7.30 1.84 26.26
N GLY A 9 6.94 3.00 25.70
CA GLY A 9 5.58 3.20 25.27
C GLY A 9 5.18 2.23 24.17
N GLY A 10 3.88 2.04 24.02
CA GLY A 10 3.42 1.11 23.00
C GLY A 10 1.91 1.01 22.99
N LEU A 11 1.42 0.09 22.17
CA LEU A 11 0.00 -0.20 22.09
C LEU A 11 -0.32 -1.40 22.97
N VAL A 12 -1.27 -1.22 23.89
CA VAL A 12 -1.63 -2.27 24.85
C VAL A 12 -3.15 -2.39 24.88
N LYS A 13 -3.63 -3.60 25.09
CA LYS A 13 -5.06 -3.77 25.27
C LYS A 13 -5.45 -3.41 26.69
N PRO A 14 -6.70 -3.00 26.92
CA PRO A 14 -7.16 -2.72 28.27
C PRO A 14 -7.02 -3.94 29.19
N GLY A 15 -6.65 -3.67 30.44
CA GLY A 15 -6.36 -4.73 31.38
C GLY A 15 -4.95 -5.23 31.30
N GLY A 16 -4.19 -4.79 30.31
CA GLY A 16 -2.82 -5.22 30.17
C GLY A 16 -1.90 -4.43 31.07
N SER A 17 -0.62 -4.72 30.92
CA SER A 17 0.43 -4.16 31.75
C SER A 17 1.59 -3.72 30.90
N LEU A 18 2.30 -2.71 31.36
CA LEU A 18 3.43 -2.18 30.60
C LEU A 18 4.35 -1.44 31.56
N LYS A 19 5.65 -1.58 31.36
CA LYS A 19 6.62 -0.87 32.21
C LYS A 19 7.36 0.18 31.38
N LEU A 20 7.29 1.45 31.83
CA LEU A 20 8.07 2.55 31.28
C LEU A 20 9.37 2.75 32.05
N SER A 21 10.38 3.25 31.36
CA SER A 21 11.68 3.57 31.94
C SER A 21 12.05 4.99 31.59
N CYS A 22 12.86 5.61 32.45
CA CYS A 22 13.38 6.95 32.18
C CYS A 22 14.83 6.94 32.63
N GLU A 23 15.75 7.08 31.69
CA GLU A 23 17.18 7.10 31.98
C GLU A 23 17.63 8.55 32.11
N ALA A 24 18.28 8.88 33.22
CA ALA A 24 18.65 10.25 33.51
C ALA A 24 20.16 10.43 33.47
N SER A 25 20.58 11.65 33.15
CA SER A 25 22.00 12.01 33.34
C SER A 25 22.12 13.51 33.54
N GLY A 26 23.31 13.91 33.97
CA GLY A 26 23.66 15.32 34.06
C GLY A 26 23.42 15.94 35.41
N PHE A 27 23.04 15.15 36.41
CA PHE A 27 22.84 15.64 37.76
C PHE A 27 23.02 14.48 38.74
N SER A 28 23.10 14.82 40.02
CA SER A 28 23.25 13.83 41.10
C SER A 28 21.92 13.15 41.34
N PHE A 29 21.73 11.97 40.74
CA PHE A 29 20.39 11.41 40.56
C PHE A 29 19.67 11.17 41.90
N GLY A 30 20.34 10.53 42.86
CA GLY A 30 19.62 10.05 44.02
C GLY A 30 19.03 11.15 44.90
N PHE A 31 19.59 12.36 44.85
CA PHE A 31 19.10 13.43 45.72
C PHE A 31 17.72 13.93 45.31
N TYR A 32 17.35 13.77 44.05
CA TYR A 32 16.19 14.48 43.51
C TYR A 32 14.92 13.64 43.55
N SER A 33 13.81 14.34 43.78
CA SER A 33 12.51 13.75 43.57
C SER A 33 12.22 13.70 42.09
N LEU A 34 11.54 12.65 41.66
CA LEU A 34 11.21 12.43 40.25
C LEU A 34 9.75 12.05 40.11
N SER A 35 9.13 12.45 38.99
CA SER A 35 7.73 12.17 38.78
C SER A 35 7.49 11.70 37.35
N TRP A 36 6.33 11.08 37.17
CA TRP A 36 5.72 10.90 35.86
C TRP A 36 4.50 11.81 35.77
N VAL A 37 4.38 12.47 34.61
CA VAL A 37 3.25 13.33 34.27
C VAL A 37 2.85 12.97 32.86
N ARG A 38 1.56 12.85 32.61
CA ARG A 38 1.15 12.49 31.26
C ARG A 38 0.35 13.61 30.63
N GLN A 39 0.32 13.61 29.29
CA GLN A 39 -0.46 14.57 28.52
C GLN A 39 -1.45 13.79 27.67
N THR A 40 -2.72 14.04 27.93
CA THR A 40 -3.80 13.31 27.28
C THR A 40 -3.97 13.78 25.83
N PRO A 41 -4.74 13.04 25.03
CA PRO A 41 -5.00 13.49 23.64
C PRO A 41 -5.69 14.84 23.58
N GLU A 42 -6.39 15.23 24.64
CA GLU A 42 -6.96 16.55 24.73
C GLU A 42 -5.95 17.62 25.16
N LYS A 43 -4.69 17.24 25.37
CA LYS A 43 -3.58 18.11 25.76
C LYS A 43 -3.62 18.51 27.23
N ARG A 44 -4.38 17.78 28.06
CA ARG A 44 -4.38 18.06 29.49
C ARG A 44 -3.15 17.42 30.11
N LEU A 45 -2.54 18.11 31.08
CA LEU A 45 -1.44 17.54 31.84
C LEU A 45 -1.97 16.96 33.16
N GLU A 46 -1.59 15.71 33.43
CA GLU A 46 -2.06 14.99 34.62
C GLU A 46 -0.89 14.36 35.34
N TRP A 47 -0.71 14.69 36.62
CA TRP A 47 0.33 14.05 37.38
C TRP A 47 -0.04 12.58 37.63
N VAL A 48 0.93 11.70 37.50
CA VAL A 48 0.73 10.25 37.56
C VAL A 48 1.36 9.64 38.80
N ALA A 49 2.58 10.05 39.14
CA ALA A 49 3.27 9.43 40.29
C ALA A 49 4.52 10.22 40.65
N THR A 50 4.92 10.18 41.94
CA THR A 50 6.16 10.80 42.40
C THR A 50 6.92 9.84 43.32
N ILE A 51 8.26 9.85 43.22
CA ILE A 51 9.12 9.23 44.23
C ILE A 51 10.10 10.29 44.76
N ALA A 52 10.15 10.44 46.08
CA ALA A 52 10.96 11.50 46.69
C ALA A 52 12.45 11.16 46.64
N GLY A 53 13.26 12.21 46.68
CA GLY A 53 14.70 12.04 46.70
C GLY A 53 15.22 11.56 48.07
N SER A 54 16.55 11.38 48.13
CA SER A 54 17.17 10.68 49.27
C SER A 54 17.12 11.52 50.54
N GLY A 55 17.23 12.84 50.45
CA GLY A 55 17.13 13.69 51.61
C GLY A 55 15.72 14.23 51.78
N VAL A 56 14.78 13.67 51.05
CA VAL A 56 13.38 14.07 51.11
C VAL A 56 12.52 13.03 51.83
N GLY A 57 13.00 11.79 51.95
CA GLY A 57 12.27 10.73 52.65
C GLY A 57 12.02 9.49 51.81
N GLY A 58 12.17 9.58 50.49
CA GLY A 58 12.08 8.42 49.63
C GLY A 58 10.72 7.83 49.38
N GLN A 59 9.64 8.45 49.85
CA GLN A 59 8.34 7.81 49.73
C GLN A 59 7.77 7.97 48.33
N THR A 60 6.73 7.20 48.06
CA THR A 60 6.01 7.28 46.79
C THR A 60 4.64 7.88 47.01
N TYR A 61 4.14 8.57 45.98
CA TYR A 61 2.85 9.26 45.99
C TYR A 61 2.12 9.05 44.68
N TYR A 62 0.81 8.89 44.77
CA TYR A 62 -0.06 8.59 43.63
C TYR A 62 -1.39 9.28 43.77
N PRO A 63 -1.98 9.72 42.64
CA PRO A 63 -3.36 10.15 42.64
C PRO A 63 -4.28 8.95 42.72
N ASP A 64 -5.50 9.20 43.20
CA ASP A 64 -6.50 8.12 43.36
C ASP A 64 -6.74 7.35 42.07
N SER A 65 -6.62 8.03 40.92
CA SER A 65 -6.93 7.40 39.64
C SER A 65 -5.97 6.28 39.26
N VAL A 66 -4.79 6.21 39.87
CA VAL A 66 -3.84 5.15 39.56
C VAL A 66 -3.48 4.31 40.77
N LYS A 67 -3.96 4.67 41.96
CA LYS A 67 -3.62 3.92 43.15
C LYS A 67 -4.04 2.47 42.99
N GLY A 68 -3.15 1.56 43.37
CA GLY A 68 -3.43 0.15 43.21
C GLY A 68 -3.16 -0.38 41.83
N ARG A 69 -2.89 0.49 40.84
CA ARG A 69 -2.61 0.08 39.46
C ARG A 69 -1.19 0.36 39.00
N PHE A 70 -0.61 1.49 39.42
CA PHE A 70 0.72 1.90 38.98
C PHE A 70 1.69 1.86 40.15
N THR A 71 2.96 1.56 39.84
CA THR A 71 4.04 1.57 40.84
C THR A 71 5.24 2.31 40.27
N ILE A 72 5.67 3.37 40.94
CA ILE A 72 6.88 4.10 40.54
C ILE A 72 8.03 3.57 41.38
N SER A 73 9.21 3.41 40.76
CA SER A 73 10.38 2.94 41.51
C SER A 73 11.62 3.54 40.89
N ARG A 74 12.76 3.44 41.58
CA ARG A 74 13.99 3.98 41.03
C ARG A 74 15.15 3.04 41.29
N ASP A 75 16.08 3.01 40.34
CA ASP A 75 17.35 2.30 40.51
C ASP A 75 18.45 3.36 40.45
N ASN A 76 18.94 3.76 41.63
CA ASN A 76 19.87 4.87 41.67
C ASN A 76 21.21 4.49 41.04
N ALA A 77 21.63 3.22 41.20
CA ALA A 77 22.88 2.78 40.58
C ALA A 77 22.83 2.89 39.06
N LYS A 78 21.64 2.74 38.48
CA LYS A 78 21.43 2.82 37.03
C LYS A 78 20.94 4.18 36.57
N ASN A 79 20.74 5.12 37.50
CA ASN A 79 20.13 6.42 37.19
C ASN A 79 18.84 6.25 36.40
N THR A 80 18.01 5.30 36.83
CA THR A 80 16.79 5.01 36.05
C THR A 80 15.55 5.07 36.92
N LEU A 81 14.50 5.68 36.37
CA LEU A 81 13.20 5.77 36.99
C LEU A 81 12.26 4.80 36.25
N TYR A 82 11.38 4.11 36.98
CA TYR A 82 10.45 3.18 36.35
C TYR A 82 9.01 3.51 36.70
N LEU A 83 8.11 3.14 35.79
CA LEU A 83 6.67 3.16 36.05
C LEU A 83 6.10 1.82 35.58
N GLN A 84 5.75 0.96 36.54
CA GLN A 84 5.08 -0.29 36.22
C GLN A 84 3.57 -0.05 36.23
N MET A 85 2.92 -0.21 35.08
CA MET A 85 1.49 0.03 34.98
C MET A 85 0.78 -1.30 34.79
N SER A 86 -0.31 -1.48 35.51
CA SER A 86 -1.12 -2.67 35.37
C SER A 86 -2.57 -2.26 35.27
N SER A 87 -3.42 -3.22 34.91
CA SER A 87 -4.85 -2.97 34.80
C SER A 87 -5.12 -1.71 33.97
N LEU A 88 -4.50 -1.64 32.80
CA LEU A 88 -4.53 -0.40 32.04
C LEU A 88 -5.95 -0.10 31.53
N ARG A 89 -6.22 1.18 31.38
CA ARG A 89 -7.53 1.68 30.99
C ARG A 89 -7.38 2.54 29.75
N SER A 90 -8.46 2.62 28.96
CA SER A 90 -8.42 3.48 27.79
C SER A 90 -8.08 4.92 28.16
N GLU A 91 -8.54 5.41 29.32
CA GLU A 91 -8.23 6.76 29.78
C GLU A 91 -6.76 6.95 30.17
N ASP A 92 -5.96 5.89 30.27
CA ASP A 92 -4.54 6.06 30.51
C ASP A 92 -3.78 6.53 29.26
N THR A 93 -4.40 6.45 28.07
CA THR A 93 -3.76 6.81 26.81
C THR A 93 -3.22 8.24 26.86
N ALA A 94 -1.91 8.39 26.57
CA ALA A 94 -1.26 9.69 26.75
C ALA A 94 0.20 9.59 26.34
N VAL A 95 0.82 10.75 26.22
CA VAL A 95 2.28 10.85 26.22
C VAL A 95 2.73 10.94 27.68
N PHE A 96 3.60 10.04 28.10
CA PHE A 96 4.15 10.01 29.46
C PHE A 96 5.50 10.69 29.50
N TYR A 97 5.64 11.68 30.38
CA TYR A 97 6.90 12.38 30.59
C TYR A 97 7.45 12.04 31.97
N CYS A 98 8.76 11.87 32.04
CA CYS A 98 9.48 11.86 33.29
C CYS A 98 9.87 13.31 33.61
N ALA A 99 9.82 13.68 34.89
CA ALA A 99 10.22 15.04 35.27
C ALA A 99 11.03 14.99 36.56
N ARG A 100 11.99 15.90 36.65
CA ARG A 100 12.80 16.10 37.85
C ARG A 100 12.36 17.38 38.56
N HIS A 101 12.26 17.28 39.90
CA HIS A 101 11.90 18.42 40.73
C HIS A 101 13.11 19.31 41.00
N GLY A 102 12.91 20.36 41.78
CA GLY A 102 13.92 21.35 42.08
C GLY A 102 14.60 21.08 43.42
N GLU A 103 15.11 22.16 44.02
CA GLU A 103 15.96 22.05 45.21
C GLU A 103 15.41 22.90 46.35
N GLY A 104 15.56 22.37 47.57
CA GLY A 104 15.31 23.12 48.79
C GLY A 104 13.86 23.46 49.00
N LYS A 105 13.64 24.46 49.85
CA LYS A 105 12.27 24.79 50.27
C LYS A 105 11.42 25.23 49.08
N TYR A 106 12.03 25.96 48.14
CA TYR A 106 11.34 26.40 46.92
C TYR A 106 11.70 25.49 45.74
N GLY A 107 11.40 24.21 45.89
CA GLY A 107 11.83 23.20 44.92
C GLY A 107 10.86 22.08 44.64
N SER A 108 9.56 22.23 44.98
CA SER A 108 8.61 21.17 44.64
C SER A 108 8.10 21.25 43.21
N ASN A 109 8.33 22.35 42.52
CA ASN A 109 8.01 22.47 41.10
C ASN A 109 8.76 21.41 40.27
N PHE A 110 8.23 21.15 39.08
CA PHE A 110 8.96 20.42 38.06
C PHE A 110 10.01 21.35 37.49
N ALA A 111 11.26 20.94 37.51
CA ALA A 111 12.34 21.77 36.99
C ALA A 111 12.75 21.38 35.58
N TYR A 112 12.76 20.07 35.30
CA TYR A 112 13.15 19.55 33.99
C TYR A 112 12.17 18.48 33.55
N TRP A 113 11.87 18.46 32.25
CA TRP A 113 10.99 17.45 31.65
C TRP A 113 11.71 16.64 30.58
N GLY A 114 11.35 15.35 30.49
CA GLY A 114 11.85 14.50 29.43
C GLY A 114 11.20 14.79 28.07
N GLN A 115 11.43 13.86 27.15
CA GLN A 115 10.92 14.01 25.78
C GLN A 115 9.61 13.29 25.52
N GLY A 116 9.24 12.37 26.38
CA GLY A 116 7.95 11.69 26.31
C GLY A 116 8.05 10.33 25.63
N THR A 117 7.20 9.41 26.08
CA THR A 117 6.96 8.15 25.38
C THR A 117 5.45 7.95 25.30
N THR A 118 4.94 7.38 24.20
CA THR A 118 3.50 7.35 23.97
C THR A 118 2.91 5.99 24.35
N LEU A 119 1.83 6.02 25.13
CA LEU A 119 1.04 4.84 25.49
C LEU A 119 -0.33 4.99 24.85
N THR A 120 -0.75 3.94 24.12
CA THR A 120 -2.12 3.89 23.62
C THR A 120 -2.75 2.62 24.17
N VAL A 121 -3.86 2.77 24.88
CA VAL A 121 -4.60 1.65 25.44
C VAL A 121 -5.94 1.59 24.72
N SER A 122 -6.17 0.50 23.98
CA SER A 122 -7.41 0.44 23.23
C SER A 122 -7.72 -1.01 22.94
N SER A 123 -9.00 -1.33 22.95
CA SER A 123 -9.43 -2.63 22.48
C SER A 123 -9.74 -2.62 20.98
N ALA A 124 -9.66 -1.47 20.33
CA ALA A 124 -9.91 -1.42 18.90
C ALA A 124 -8.82 -2.15 18.14
N SER A 125 -9.17 -2.77 17.00
CA SER A 125 -8.21 -3.58 16.27
C SER A 125 -7.26 -2.72 15.45
N THR A 126 -5.98 -3.09 15.43
CA THR A 126 -5.02 -2.46 14.54
C THR A 126 -5.47 -2.69 13.11
N THR A 127 -5.51 -1.63 12.32
CA THR A 127 -6.11 -1.68 11.00
C THR A 127 -5.22 -0.88 10.06
N PRO A 128 -4.81 -1.44 8.93
CA PRO A 128 -3.95 -0.68 8.00
C PRO A 128 -4.78 0.33 7.22
N PRO A 129 -4.15 1.38 6.70
CA PRO A 129 -4.91 2.40 5.97
C PRO A 129 -5.15 2.01 4.53
N SER A 130 -6.21 2.61 3.97
CA SER A 130 -6.43 2.64 2.52
C SER A 130 -5.93 4.00 2.06
N VAL A 131 -5.20 4.05 0.96
CA VAL A 131 -4.58 5.29 0.51
C VAL A 131 -5.16 5.66 -0.84
N TYR A 132 -5.82 6.81 -0.92
CA TYR A 132 -6.53 7.21 -2.10
C TYR A 132 -5.95 8.50 -2.67
N PRO A 133 -5.75 8.57 -3.97
CA PRO A 133 -5.21 9.79 -4.56
C PRO A 133 -6.28 10.89 -4.67
N LEU A 134 -5.85 12.14 -4.49
CA LEU A 134 -6.71 13.31 -4.70
C LEU A 134 -6.11 14.08 -5.87
N ALA A 135 -6.75 13.96 -7.03
CA ALA A 135 -6.36 14.73 -8.19
C ALA A 135 -7.53 15.60 -8.65
N PRO A 136 -7.25 16.76 -9.23
CA PRO A 136 -8.36 17.65 -9.63
C PRO A 136 -9.27 16.98 -10.64
N GLY A 137 -10.54 17.40 -10.63
CA GLY A 137 -11.47 16.96 -11.65
C GLY A 137 -10.87 17.14 -13.04
N SER A 138 -11.19 16.22 -13.96
CA SER A 138 -10.68 16.31 -15.33
C SER A 138 -10.84 17.72 -15.89
N ALA A 139 -12.00 18.33 -15.66
CA ALA A 139 -12.23 19.74 -15.96
C ALA A 139 -11.99 20.51 -14.67
N ALA A 140 -10.76 20.94 -14.45
CA ALA A 140 -10.48 21.88 -13.37
C ALA A 140 -9.55 22.98 -13.85
N ASN A 143 -4.11 27.39 -13.71
CA ASN A 143 -3.44 28.00 -12.56
C ASN A 143 -1.95 27.64 -12.56
N SER A 144 -1.10 28.61 -12.17
CA SER A 144 0.33 28.36 -12.16
C SER A 144 0.72 27.34 -11.11
N MET A 145 -0.10 27.19 -10.05
CA MET A 145 0.13 26.21 -9.01
C MET A 145 -1.02 25.22 -9.02
N VAL A 146 -0.73 23.95 -8.72
CA VAL A 146 -1.74 22.92 -8.63
C VAL A 146 -1.61 22.26 -7.27
N THR A 147 -2.74 22.03 -6.62
CA THR A 147 -2.79 21.33 -5.35
C THR A 147 -3.29 19.90 -5.58
N LEU A 148 -2.54 18.94 -5.05
CA LEU A 148 -2.87 17.52 -5.10
C LEU A 148 -2.95 17.00 -3.69
N GLY A 149 -3.39 15.76 -3.53
CA GLY A 149 -3.36 15.25 -2.17
C GLY A 149 -3.49 13.76 -2.08
N CYS A 150 -3.49 13.29 -0.84
CA CYS A 150 -3.75 11.88 -0.56
C CYS A 150 -4.68 11.80 0.64
N LEU A 151 -5.66 10.90 0.55
CA LEU A 151 -6.57 10.58 1.64
C LEU A 151 -6.16 9.23 2.22
N VAL A 152 -5.89 9.20 3.52
CA VAL A 152 -5.38 8.03 4.24
C VAL A 152 -6.48 7.63 5.20
N LYS A 153 -7.24 6.59 4.86
CA LYS A 153 -8.52 6.35 5.51
C LYS A 153 -8.59 4.99 6.20
N GLY A 154 -9.22 4.98 7.37
CA GLY A 154 -9.59 3.74 8.00
C GLY A 154 -8.48 2.99 8.71
N TYR A 155 -7.60 3.69 9.43
CA TYR A 155 -6.46 3.05 10.08
C TYR A 155 -6.51 3.20 11.59
N PHE A 156 -5.75 2.32 12.26
CA PHE A 156 -5.66 2.37 13.71
C PHE A 156 -4.44 1.58 14.15
N PRO A 157 -3.68 2.04 15.14
CA PRO A 157 -3.73 3.32 15.85
C PRO A 157 -2.94 4.40 15.13
N GLU A 158 -2.87 5.59 15.69
CA GLU A 158 -1.94 6.60 15.22
C GLU A 158 -0.52 6.15 15.58
N PRO A 159 0.50 6.67 14.90
CA PRO A 159 0.48 7.66 13.83
C PRO A 159 0.61 7.06 12.44
N VAL A 160 0.32 7.84 11.40
CA VAL A 160 0.82 7.56 10.06
C VAL A 160 1.71 8.74 9.72
N THR A 161 2.70 8.52 8.88
CA THR A 161 3.52 9.61 8.38
C THR A 161 3.29 9.72 6.88
N VAL A 162 3.29 10.96 6.36
CA VAL A 162 3.12 11.18 4.93
C VAL A 162 4.27 12.04 4.42
N THR A 163 4.96 11.56 3.38
CA THR A 163 5.91 12.38 2.65
C THR A 163 5.47 12.46 1.19
N TRP A 164 6.11 13.38 0.46
CA TRP A 164 5.83 13.60 -0.95
C TRP A 164 7.13 13.47 -1.72
N ASN A 165 7.14 12.56 -2.69
CA ASN A 165 8.34 12.29 -3.48
C ASN A 165 9.53 12.05 -2.54
N SER A 166 9.31 11.19 -1.54
CA SER A 166 10.32 10.78 -0.56
C SER A 166 11.08 11.96 0.04
N GLY A 167 10.37 13.07 0.26
CA GLY A 167 10.97 14.21 0.92
C GLY A 167 11.46 15.30 -0.01
N SER A 168 11.50 15.05 -1.32
CA SER A 168 12.00 16.10 -2.19
C SER A 168 10.97 17.21 -2.39
N LEU A 169 9.69 16.96 -2.12
CA LEU A 169 8.66 17.99 -2.03
C LEU A 169 8.41 18.22 -0.54
N SER A 170 8.93 19.32 0.01
CA SER A 170 8.80 19.57 1.44
C SER A 170 8.03 20.83 1.73
N SER A 171 8.38 21.92 1.07
CA SER A 171 7.60 23.12 1.18
C SER A 171 6.25 22.92 0.49
N GLY A 172 5.25 23.68 0.91
CA GLY A 172 3.95 23.54 0.29
C GLY A 172 3.16 22.29 0.66
N VAL A 173 3.53 21.60 1.76
CA VAL A 173 2.81 20.43 2.22
C VAL A 173 2.03 20.78 3.48
N HIS A 174 0.79 20.29 3.55
CA HIS A 174 0.01 20.30 4.79
C HIS A 174 -0.46 18.90 5.07
N THR A 175 -0.10 18.33 6.21
CA THR A 175 -0.70 17.07 6.60
C THR A 175 -1.67 17.38 7.75
N PHE A 176 -2.94 17.05 7.54
CA PHE A 176 -3.95 17.47 8.51
C PHE A 176 -4.05 16.48 9.66
N PRO A 177 -4.36 16.96 10.87
CA PRO A 177 -4.57 16.05 12.01
C PRO A 177 -5.64 15.00 11.72
N ALA A 178 -5.38 13.77 12.15
CA ALA A 178 -6.34 12.69 11.91
C ALA A 178 -7.62 12.91 12.71
N VAL A 179 -8.75 12.48 12.13
CA VAL A 179 -10.06 12.51 12.76
C VAL A 179 -10.49 11.07 13.07
N LEU A 180 -11.01 10.85 14.27
CA LEU A 180 -11.45 9.54 14.73
C LEU A 180 -12.96 9.39 14.57
N GLN A 181 -13.39 8.32 13.92
CA GLN A 181 -14.81 7.97 13.87
C GLN A 181 -14.96 6.47 13.77
N SER A 182 -15.94 5.92 14.50
CA SER A 182 -16.20 4.49 14.50
C SER A 182 -14.93 3.67 14.75
N ASP A 183 -14.07 4.19 15.63
CA ASP A 183 -12.82 3.57 16.06
C ASP A 183 -11.76 3.54 14.96
N LEU A 184 -11.86 4.37 13.91
CA LEU A 184 -10.83 4.41 12.89
C LEU A 184 -10.45 5.85 12.60
N TYR A 185 -9.18 6.04 12.29
CA TYR A 185 -8.65 7.36 11.92
C TYR A 185 -8.68 7.57 10.41
N THR A 186 -8.88 8.83 10.04
CA THR A 186 -8.71 9.24 8.64
C THR A 186 -7.93 10.54 8.64
N LEU A 187 -6.93 10.65 7.78
CA LEU A 187 -6.30 11.97 7.57
C LEU A 187 -6.11 12.23 6.09
N SER A 188 -5.81 13.48 5.79
CA SER A 188 -5.47 13.84 4.43
C SER A 188 -4.19 14.66 4.44
N SER A 189 -3.54 14.71 3.28
CA SER A 189 -2.35 15.52 3.11
C SER A 189 -2.46 16.23 1.78
N SER A 190 -2.12 17.51 1.75
CA SER A 190 -2.09 18.26 0.50
C SER A 190 -0.67 18.68 0.15
N VAL A 191 -0.40 18.82 -1.15
CA VAL A 191 0.87 19.34 -1.62
C VAL A 191 0.59 20.26 -2.78
N THR A 192 1.27 21.39 -2.81
CA THR A 192 1.10 22.36 -3.87
C THR A 192 2.39 22.50 -4.65
N VAL A 193 2.31 22.26 -5.97
CA VAL A 193 3.52 22.32 -6.83
C VAL A 193 3.25 23.19 -8.07
N PRO A 194 4.28 23.57 -8.80
CA PRO A 194 4.04 24.26 -10.08
C PRO A 194 3.36 23.36 -11.11
N SER A 195 2.43 23.98 -11.87
CA SER A 195 1.65 23.24 -12.87
C SER A 195 2.53 22.63 -13.95
N SER A 196 3.69 23.22 -14.19
CA SER A 196 4.66 22.71 -15.15
C SER A 196 5.34 21.44 -14.65
N THR A 197 5.21 21.13 -13.35
CA THR A 197 5.84 19.94 -12.81
C THR A 197 4.89 18.76 -12.75
N TRP A 198 3.58 18.98 -12.90
CA TRP A 198 2.62 17.90 -12.83
C TRP A 198 1.52 18.16 -13.84
N PRO A 199 1.16 17.18 -14.68
CA PRO A 199 1.60 15.78 -14.59
C PRO A 199 2.87 15.41 -15.36
N SER A 200 3.64 16.39 -15.86
CA SER A 200 4.82 16.06 -16.66
C SER A 200 5.87 15.33 -15.84
N GLU A 201 6.00 15.66 -14.55
CA GLU A 201 6.84 14.91 -13.63
C GLU A 201 5.94 14.22 -12.61
N THR A 202 6.44 13.14 -12.03
CA THR A 202 5.58 12.36 -11.15
C THR A 202 5.53 12.98 -9.76
N VAL A 203 4.35 12.89 -9.16
CA VAL A 203 4.12 13.24 -7.76
C VAL A 203 3.52 12.03 -7.07
N THR A 204 4.15 11.61 -5.98
CA THR A 204 3.77 10.40 -5.27
C THR A 204 3.65 10.71 -3.79
N CYS A 205 2.57 10.27 -3.16
CA CYS A 205 2.55 10.36 -1.70
C CYS A 205 3.03 9.03 -1.13
N ASN A 206 3.93 9.12 -0.17
CA ASN A 206 4.49 7.98 0.54
C ASN A 206 3.88 7.96 1.94
N VAL A 207 3.13 6.90 2.24
CA VAL A 207 2.39 6.79 3.50
C VAL A 207 2.97 5.65 4.30
N ALA A 208 3.28 5.90 5.56
CA ALA A 208 3.79 4.83 6.43
C ALA A 208 2.86 4.66 7.62
N HIS A 209 2.50 3.41 7.92
CA HIS A 209 1.77 3.05 9.13
C HIS A 209 2.56 1.97 9.85
N PRO A 210 3.48 2.38 10.74
CA PRO A 210 4.33 1.38 11.42
C PRO A 210 3.55 0.35 12.21
N ALA A 211 2.42 0.72 12.83
CA ALA A 211 1.73 -0.25 13.69
C ALA A 211 1.27 -1.49 12.91
N SER A 212 0.96 -1.33 11.62
CA SER A 212 0.54 -2.44 10.77
C SER A 212 1.63 -2.86 9.80
N SER A 213 2.85 -2.40 10.00
CA SER A 213 4.00 -2.74 9.14
C SER A 213 3.72 -2.42 7.68
N THR A 214 3.08 -1.27 7.41
CA THR A 214 2.62 -0.97 6.07
C THR A 214 3.33 0.28 5.54
N LYS A 215 3.74 0.23 4.26
CA LYS A 215 4.09 1.43 3.52
C LYS A 215 3.37 1.42 2.19
N VAL A 216 2.79 2.56 1.78
CA VAL A 216 2.10 2.64 0.49
C VAL A 216 2.63 3.84 -0.28
N ASP A 217 2.96 3.65 -1.54
CA ASP A 217 3.31 4.76 -2.44
C ASP A 217 2.18 4.89 -3.43
N LYS A 218 1.51 6.05 -3.45
CA LYS A 218 0.43 6.29 -4.40
C LYS A 218 0.84 7.42 -5.36
N LYS A 219 1.07 7.08 -6.62
CA LYS A 219 1.35 8.09 -7.64
C LYS A 219 0.05 8.80 -7.97
N ILE A 220 0.09 10.13 -8.06
CA ILE A 220 -1.11 10.91 -8.39
C ILE A 220 -1.17 11.10 -9.90
N VAL A 221 -2.14 10.46 -10.56
CA VAL A 221 -2.22 10.56 -12.02
C VAL A 221 -3.42 11.42 -12.40
N PRO A 222 -3.35 12.17 -13.50
CA PRO A 222 -4.50 13.00 -13.89
C PRO A 222 -5.70 12.13 -14.18
N ARG A 223 -6.90 12.65 -13.86
CA ARG A 223 -8.13 11.96 -14.21
C ARG A 223 -8.44 12.18 -15.69
N ASP A 224 -8.80 11.09 -16.36
CA ASP A 224 -9.16 11.03 -17.79
C ASP A 224 -9.15 12.34 -18.57
C ACE B 1 0.59 -21.58 -49.46
O ACE B 1 0.98 -20.58 -50.08
CH3 ACE B 1 1.22 -22.04 -48.25
N ALA B 2 -0.46 -22.36 -49.79
CA ALA B 2 -1.22 -22.10 -51.00
C ALA B 2 -1.89 -20.72 -51.01
N VAL B 3 -2.03 -20.08 -49.85
CA VAL B 3 -2.53 -18.71 -49.86
C VAL B 3 -1.58 -17.75 -50.54
N GLY B 4 -0.32 -18.15 -50.78
CA GLY B 4 0.56 -17.39 -51.67
C GLY B 4 1.10 -16.09 -51.12
N LEU B 5 1.46 -16.06 -49.84
CA LEU B 5 1.93 -14.83 -49.20
C LEU B 5 3.45 -14.59 -49.31
N GLY B 6 4.21 -15.54 -49.83
CA GLY B 6 5.65 -15.40 -49.88
C GLY B 6 6.13 -14.21 -50.71
N ALA B 7 7.12 -13.51 -50.18
CA ALA B 7 7.71 -12.36 -50.86
C ALA B 7 8.40 -12.75 -52.17
N VAL B 8 8.24 -11.91 -53.20
CA VAL B 8 8.95 -12.06 -54.45
C VAL B 8 9.65 -10.74 -54.75
N PHE B 9 10.76 -10.81 -55.43
CA PHE B 9 11.59 -9.62 -55.68
C PHE B 9 11.73 -9.38 -57.17
N GLU C 1 19.85 -8.29 -38.04
CA GLU C 1 18.82 -9.01 -37.30
C GLU C 1 17.43 -8.48 -37.63
N VAL C 2 16.50 -9.40 -37.87
CA VAL C 2 15.12 -9.02 -38.11
C VAL C 2 14.50 -8.58 -36.78
N MET C 3 13.98 -7.36 -36.74
CA MET C 3 13.39 -6.81 -35.53
C MET C 3 11.95 -6.43 -35.82
N LEU C 4 11.05 -6.84 -34.92
CA LEU C 4 9.63 -6.48 -34.97
C LEU C 4 9.23 -6.07 -33.56
N VAL C 5 8.80 -4.83 -33.39
CA VAL C 5 8.62 -4.28 -32.07
C VAL C 5 7.23 -3.65 -32.00
N GLU C 6 6.31 -4.31 -31.29
CA GLU C 6 4.93 -3.85 -31.20
C GLU C 6 4.76 -2.86 -30.05
N SER C 7 3.81 -1.94 -30.21
CA SER C 7 3.42 -1.02 -29.15
C SER C 7 1.94 -0.72 -29.25
N GLY C 8 1.41 -0.08 -28.20
CA GLY C 8 0.03 0.40 -28.20
C GLY C 8 -0.92 -0.35 -27.27
N GLY C 9 -0.52 -1.48 -26.70
CA GLY C 9 -1.43 -2.25 -25.88
C GLY C 9 -1.89 -1.48 -24.65
N GLY C 10 -3.03 -1.88 -24.11
CA GLY C 10 -3.55 -1.20 -22.94
C GLY C 10 -4.86 -1.79 -22.47
N LEU C 11 -5.45 -1.14 -21.47
CA LEU C 11 -6.75 -1.52 -20.96
C LEU C 11 -7.83 -0.66 -21.63
N VAL C 12 -8.82 -1.31 -22.24
CA VAL C 12 -9.88 -0.62 -22.96
C VAL C 12 -11.21 -1.21 -22.52
N LYS C 13 -12.23 -0.36 -22.49
CA LYS C 13 -13.58 -0.86 -22.19
C LYS C 13 -14.17 -1.48 -23.45
N PRO C 14 -15.11 -2.42 -23.31
CA PRO C 14 -15.80 -2.97 -24.48
C PRO C 14 -16.47 -1.88 -25.31
N GLY C 15 -16.41 -2.03 -26.63
CA GLY C 15 -16.92 -1.04 -27.54
C GLY C 15 -15.92 0.05 -27.86
N GLY C 16 -14.78 0.08 -27.18
CA GLY C 16 -13.78 1.09 -27.43
C GLY C 16 -12.91 0.75 -28.62
N SER C 17 -11.93 1.61 -28.84
CA SER C 17 -11.05 1.53 -29.99
C SER C 17 -9.62 1.71 -29.55
N LEU C 18 -8.70 1.10 -30.29
CA LEU C 18 -7.28 1.16 -29.93
C LEU C 18 -6.47 0.86 -31.17
N LYS C 19 -5.36 1.57 -31.38
CA LYS C 19 -4.49 1.33 -32.52
C LYS C 19 -3.14 0.80 -32.05
N LEU C 20 -2.76 -0.38 -32.56
CA LEU C 20 -1.46 -0.98 -32.33
C LEU C 20 -0.50 -0.63 -33.47
N SER C 21 0.79 -0.57 -33.14
CA SER C 21 1.85 -0.31 -34.11
C SER C 21 2.91 -1.38 -33.99
N CYS C 22 3.61 -1.63 -35.10
CA CYS C 22 4.74 -2.56 -35.09
C CYS C 22 5.83 -1.93 -35.97
N GLU C 23 6.94 -1.56 -35.36
CA GLU C 23 8.07 -0.96 -36.06
C GLU C 23 9.05 -2.07 -36.43
N ALA C 24 9.42 -2.16 -37.69
CA ALA C 24 10.26 -3.23 -38.18
C ALA C 24 11.62 -2.72 -38.61
N SER C 25 12.63 -3.57 -38.52
CA SER C 25 13.92 -3.27 -39.14
C SER C 25 14.63 -4.56 -39.48
N GLY C 26 15.69 -4.42 -40.28
CA GLY C 26 16.58 -5.52 -40.58
C GLY C 26 16.26 -6.27 -41.85
N PHE C 27 15.27 -5.80 -42.62
CA PHE C 27 14.92 -6.44 -43.89
C PHE C 27 14.26 -5.38 -44.78
N SER C 28 14.08 -5.75 -46.05
CA SER C 28 13.45 -4.90 -47.06
C SER C 28 11.95 -4.91 -46.84
N PHE C 29 11.46 -3.91 -46.11
CA PHE C 29 10.14 -3.99 -45.49
C PHE C 29 9.02 -4.20 -46.53
N GLY C 30 9.02 -3.40 -47.60
CA GLY C 30 7.83 -3.39 -48.45
C GLY C 30 7.57 -4.69 -49.20
N PHE C 31 8.60 -5.52 -49.40
CA PHE C 31 8.40 -6.74 -50.17
C PHE C 31 7.60 -7.79 -49.40
N TYR C 32 7.59 -7.73 -48.08
CA TYR C 32 7.10 -8.83 -47.27
C TYR C 32 5.64 -8.67 -46.87
N SER C 33 4.95 -9.80 -46.80
CA SER C 33 3.65 -9.85 -46.16
C SER C 33 3.83 -9.84 -44.66
N LEU C 34 2.91 -9.17 -43.97
CA LEU C 34 2.95 -9.01 -42.52
C LEU C 34 1.59 -9.33 -41.93
N SER C 35 1.59 -9.86 -40.71
CA SER C 35 0.35 -10.23 -40.05
C SER C 35 0.37 -9.81 -38.59
N TRP C 36 -0.83 -9.79 -38.03
CA TRP C 36 -1.03 -9.80 -36.59
C TRP C 36 -1.61 -11.16 -36.21
N VAL C 37 -1.07 -11.71 -35.12
CA VAL C 37 -1.51 -12.96 -34.50
C VAL C 37 -1.60 -12.72 -33.01
N ARG C 38 -2.67 -13.17 -32.39
CA ARG C 38 -2.78 -12.94 -30.96
C ARG C 38 -2.74 -14.25 -30.21
N GLN C 39 -2.38 -14.17 -28.94
CA GLN C 39 -2.37 -15.31 -28.03
C GLN C 39 -3.30 -15.02 -26.88
N THR C 40 -4.35 -15.83 -26.76
CA THR C 40 -5.38 -15.63 -25.75
C THR C 40 -4.87 -16.01 -24.36
N PRO C 41 -5.60 -15.63 -23.31
CA PRO C 41 -5.19 -16.02 -21.95
C PRO C 41 -5.15 -17.52 -21.78
N GLU C 42 -5.88 -18.26 -22.61
CA GLU C 42 -5.80 -19.72 -22.61
C GLU C 42 -4.60 -20.24 -23.40
N LYS C 43 -3.78 -19.34 -23.97
CA LYS C 43 -2.57 -19.65 -24.75
C LYS C 43 -2.87 -20.16 -26.16
N ARG C 44 -4.07 -19.94 -26.66
CA ARG C 44 -4.37 -20.29 -28.05
C ARG C 44 -3.81 -19.19 -28.95
N LEU C 45 -3.28 -19.58 -30.10
CA LEU C 45 -2.83 -18.65 -31.12
C LEU C 45 -3.93 -18.44 -32.15
N GLU C 46 -4.26 -17.18 -32.44
CA GLU C 46 -5.33 -16.86 -33.37
C GLU C 46 -4.86 -15.82 -34.37
N TRP C 47 -4.95 -16.13 -35.65
CA TRP C 47 -4.60 -15.15 -36.66
C TRP C 47 -5.64 -14.04 -36.67
N VAL C 48 -5.18 -12.79 -36.79
CA VAL C 48 -6.03 -11.61 -36.68
C VAL C 48 -6.13 -10.85 -38.00
N ALA C 49 -5.02 -10.70 -38.72
CA ALA C 49 -5.07 -9.93 -39.97
C ALA C 49 -3.77 -10.10 -40.73
N THR C 50 -3.84 -9.97 -42.07
CA THR C 50 -2.66 -10.00 -42.95
C THR C 50 -2.73 -8.88 -43.98
N ILE C 51 -1.57 -8.27 -44.30
CA ILE C 51 -1.44 -7.41 -45.47
C ILE C 51 -0.29 -7.95 -46.33
N ALA C 52 -0.57 -8.18 -47.61
CA ALA C 52 0.40 -8.80 -48.49
C ALA C 52 1.52 -7.81 -48.88
N GLY C 53 2.66 -8.38 -49.24
CA GLY C 53 3.79 -7.58 -49.70
C GLY C 53 3.59 -7.02 -51.12
N SER C 54 4.62 -6.25 -51.55
CA SER C 54 4.49 -5.43 -52.77
C SER C 54 4.44 -6.30 -54.01
N GLY C 55 5.16 -7.42 -54.04
CA GLY C 55 5.11 -8.31 -55.19
C GLY C 55 4.12 -9.43 -54.97
N VAL C 56 3.29 -9.30 -53.95
CA VAL C 56 2.27 -10.29 -53.62
C VAL C 56 0.86 -9.80 -53.96
N GLY C 57 0.66 -8.50 -54.14
CA GLY C 57 -0.64 -7.93 -54.50
C GLY C 57 -1.15 -6.88 -53.54
N GLY C 58 -0.57 -6.78 -52.34
CA GLY C 58 -0.91 -5.71 -51.42
C GLY C 58 -2.27 -5.81 -50.73
N GLN C 59 -3.01 -6.90 -50.92
CA GLN C 59 -4.36 -6.92 -50.35
C GLN C 59 -4.36 -7.21 -48.85
N THR C 60 -5.50 -6.97 -48.23
CA THR C 60 -5.68 -7.27 -46.81
C THR C 60 -6.64 -8.43 -46.67
N TYR C 61 -6.44 -9.19 -45.58
CA TYR C 61 -7.21 -10.39 -45.24
C TYR C 61 -7.52 -10.44 -43.76
N TYR C 62 -8.74 -10.89 -43.44
CA TYR C 62 -9.24 -10.93 -42.08
C TYR C 62 -10.09 -12.17 -41.85
N PRO C 63 -10.05 -12.72 -40.64
CA PRO C 63 -11.03 -13.74 -40.26
C PRO C 63 -12.37 -13.09 -39.97
N ASP C 64 -13.42 -13.91 -40.09
CA ASP C 64 -14.79 -13.39 -39.87
C ASP C 64 -14.95 -12.72 -38.51
N SER C 65 -14.21 -13.19 -37.49
CA SER C 65 -14.38 -12.68 -36.14
C SER C 65 -13.96 -11.22 -35.97
N VAL C 66 -13.18 -10.67 -36.90
CA VAL C 66 -12.75 -9.28 -36.82
C VAL C 66 -13.19 -8.46 -38.02
N LYS C 67 -13.79 -9.07 -39.04
CA LYS C 67 -14.22 -8.32 -40.21
C LYS C 67 -15.18 -7.20 -39.82
N GLY C 68 -14.96 -6.03 -40.38
CA GLY C 68 -15.78 -4.88 -40.06
C GLY C 68 -15.37 -4.19 -38.78
N ARG C 69 -14.47 -4.77 -37.99
CA ARG C 69 -14.01 -4.22 -36.74
C ARG C 69 -12.55 -3.79 -36.75
N PHE C 70 -11.67 -4.55 -37.40
CA PHE C 70 -10.24 -4.31 -37.41
C PHE C 70 -9.79 -3.90 -38.80
N THR C 71 -8.74 -3.06 -38.86
CA THR C 71 -8.15 -2.62 -40.14
C THR C 71 -6.64 -2.71 -40.02
N ILE C 72 -6.00 -3.49 -40.88
CA ILE C 72 -4.55 -3.58 -40.90
C ILE C 72 -4.06 -2.65 -42.01
N SER C 73 -2.95 -1.92 -41.75
CA SER C 73 -2.40 -1.03 -42.78
C SER C 73 -0.89 -0.96 -42.62
N ARG C 74 -0.19 -0.41 -43.62
CA ARG C 74 1.26 -0.31 -43.50
C ARG C 74 1.74 1.04 -44.01
N ASP C 75 2.79 1.56 -43.40
CA ASP C 75 3.49 2.75 -43.87
C ASP C 75 4.90 2.31 -44.25
N ASN C 76 5.14 2.07 -45.54
CA ASN C 76 6.42 1.50 -45.93
C ASN C 76 7.55 2.49 -45.70
N ALA C 77 7.29 3.79 -45.88
CA ALA C 77 8.31 4.79 -45.62
C ALA C 77 8.77 4.79 -44.16
N LYS C 78 7.88 4.43 -43.25
CA LYS C 78 8.17 4.36 -41.82
C LYS C 78 8.52 2.96 -41.34
N ASN C 79 8.50 1.97 -42.24
CA ASN C 79 8.69 0.58 -41.84
C ASN C 79 7.75 0.20 -40.69
N THR C 80 6.50 0.63 -40.78
CA THR C 80 5.58 0.42 -39.66
C THR C 80 4.31 -0.26 -40.12
N LEU C 81 3.85 -1.23 -39.32
CA LEU C 81 2.60 -1.95 -39.52
C LEU C 81 1.61 -1.46 -38.48
N TYR C 82 0.33 -1.31 -38.85
CA TYR C 82 -0.68 -0.85 -37.90
C TYR C 82 -1.86 -1.83 -37.83
N LEU C 83 -2.51 -1.84 -36.67
CA LEU C 83 -3.79 -2.51 -36.48
C LEU C 83 -4.73 -1.55 -35.77
N GLN C 84 -5.70 -1.01 -36.50
CA GLN C 84 -6.73 -0.17 -35.90
C GLN C 84 -7.89 -1.07 -35.49
N MET C 85 -8.17 -1.15 -34.19
CA MET C 85 -9.23 -1.99 -33.67
C MET C 85 -10.37 -1.11 -33.19
N SER C 86 -11.58 -1.49 -33.55
CA SER C 86 -12.77 -0.77 -33.08
C SER C 86 -13.76 -1.81 -32.57
N SER C 87 -14.80 -1.31 -31.89
CA SER C 87 -15.86 -2.17 -31.38
C SER C 87 -15.29 -3.35 -30.60
N LEU C 88 -14.37 -3.06 -29.68
CA LEU C 88 -13.61 -4.13 -29.05
C LEU C 88 -14.51 -4.98 -28.17
N ARG C 89 -14.13 -6.24 -28.04
CA ARG C 89 -14.88 -7.24 -27.30
C ARG C 89 -13.98 -7.85 -26.23
N SER C 90 -14.61 -8.33 -25.17
CA SER C 90 -13.83 -8.99 -24.13
C SER C 90 -13.00 -10.15 -24.68
N GLU C 91 -13.51 -10.86 -25.70
CA GLU C 91 -12.78 -11.96 -26.32
C GLU C 91 -11.57 -11.51 -27.14
N ASP C 92 -11.42 -10.20 -27.41
CA ASP C 92 -10.22 -9.73 -28.07
C ASP C 92 -9.00 -9.71 -27.16
N THR C 93 -9.20 -9.82 -25.84
CA THR C 93 -8.12 -9.77 -24.85
C THR C 93 -7.03 -10.80 -25.15
N ALA C 94 -5.78 -10.34 -25.27
CA ALA C 94 -4.71 -11.22 -25.74
C ALA C 94 -3.40 -10.44 -25.77
N VAL C 95 -2.32 -11.19 -25.92
CA VAL C 95 -1.06 -10.61 -26.37
C VAL C 95 -1.08 -10.59 -27.89
N PHE C 96 -0.87 -9.42 -28.50
CA PHE C 96 -0.84 -9.26 -29.95
C PHE C 96 0.60 -9.24 -30.45
N TYR C 97 0.91 -10.12 -31.40
CA TYR C 97 2.21 -10.19 -32.04
C TYR C 97 2.11 -9.75 -33.48
N CYS C 98 3.12 -9.01 -33.92
CA CYS C 98 3.36 -8.76 -35.32
C CYS C 98 4.23 -9.90 -35.86
N ALA C 99 3.98 -10.34 -37.09
CA ALA C 99 4.80 -11.40 -37.68
C ALA C 99 5.07 -11.09 -39.14
N ARG C 100 6.26 -11.48 -39.59
CA ARG C 100 6.67 -11.39 -41.00
C ARG C 100 6.67 -12.77 -41.63
N HIS C 101 6.14 -12.85 -42.85
CA HIS C 101 6.09 -14.07 -43.63
C HIS C 101 7.44 -14.33 -44.32
N GLY C 102 7.51 -15.42 -45.07
CA GLY C 102 8.73 -15.86 -45.74
C GLY C 102 8.78 -15.42 -47.18
N GLU C 103 9.51 -16.17 -47.99
CA GLU C 103 9.82 -15.80 -49.38
C GLU C 103 9.40 -16.88 -50.36
N GLY C 104 8.91 -16.44 -51.52
CA GLY C 104 8.67 -17.29 -52.66
C GLY C 104 7.54 -18.28 -52.46
N LYS C 105 7.55 -19.33 -53.27
CA LYS C 105 6.42 -20.27 -53.28
C LYS C 105 6.27 -20.95 -51.93
N TYR C 106 7.38 -21.26 -51.27
CA TYR C 106 7.37 -21.87 -49.94
C TYR C 106 7.61 -20.80 -48.86
N GLY C 107 6.73 -19.81 -48.81
CA GLY C 107 6.94 -18.67 -47.94
C GLY C 107 5.70 -18.07 -47.30
N SER C 108 4.58 -18.81 -47.24
CA SER C 108 3.39 -18.28 -46.56
C SER C 108 3.42 -18.47 -45.06
N ASN C 109 4.35 -19.29 -44.55
CA ASN C 109 4.56 -19.43 -43.12
C ASN C 109 4.96 -18.09 -42.47
N PHE C 110 4.77 -18.03 -41.15
CA PHE C 110 5.35 -16.97 -40.34
C PHE C 110 6.81 -17.28 -40.19
N ALA C 111 7.68 -16.34 -40.56
CA ALA C 111 9.12 -16.56 -40.46
C ALA C 111 9.70 -15.93 -39.20
N TYR C 112 9.18 -14.76 -38.84
CA TYR C 112 9.67 -14.01 -37.69
C TYR C 112 8.51 -13.46 -36.90
N TRP C 113 8.63 -13.49 -35.55
CA TRP C 113 7.63 -12.95 -34.65
C TRP C 113 8.18 -11.82 -33.80
N GLY C 114 7.33 -10.85 -33.50
CA GLY C 114 7.65 -9.77 -32.56
C GLY C 114 7.66 -10.22 -31.10
N GLN C 115 7.70 -9.23 -30.22
CA GLN C 115 7.76 -9.48 -28.79
C GLN C 115 6.42 -9.43 -28.09
N GLY C 116 5.43 -8.84 -28.72
CA GLY C 116 4.06 -8.78 -28.23
C GLY C 116 3.73 -7.49 -27.51
N THR C 117 2.48 -7.08 -27.61
CA THR C 117 1.92 -6.03 -26.78
C THR C 117 0.59 -6.53 -26.24
N THR C 118 0.24 -6.16 -25.02
CA THR C 118 -0.92 -6.77 -24.34
C THR C 118 -2.14 -5.85 -24.43
N LEU C 119 -3.27 -6.43 -24.86
CA LEU C 119 -4.57 -5.77 -24.89
C LEU C 119 -5.47 -6.46 -23.87
N THR C 120 -6.08 -5.67 -22.99
CA THR C 120 -7.10 -6.19 -22.10
C THR C 120 -8.37 -5.40 -22.34
N VAL C 121 -9.45 -6.09 -22.68
CA VAL C 121 -10.75 -5.47 -22.92
C VAL C 121 -11.68 -5.96 -21.82
N SER C 122 -12.15 -5.05 -20.97
CA SER C 122 -12.99 -5.48 -19.89
C SER C 122 -13.82 -4.31 -19.40
N SER C 123 -15.04 -4.61 -19.00
CA SER C 123 -15.82 -3.59 -18.32
C SER C 123 -15.64 -3.64 -16.82
N ALA C 124 -14.86 -4.59 -16.30
CA ALA C 124 -14.64 -4.66 -14.86
C ALA C 124 -13.81 -3.45 -14.41
N SER C 125 -14.06 -2.99 -13.18
CA SER C 125 -13.39 -1.78 -12.71
C SER C 125 -11.95 -2.06 -12.28
N THR C 126 -11.05 -1.14 -12.62
CA THR C 126 -9.69 -1.21 -12.11
C THR C 126 -9.74 -1.08 -10.60
N THR C 127 -9.05 -1.99 -9.91
CA THR C 127 -9.18 -2.12 -8.47
C THR C 127 -7.79 -2.35 -7.89
N PRO C 128 -7.35 -1.58 -6.91
CA PRO C 128 -6.00 -1.81 -6.35
C PRO C 128 -6.00 -3.02 -5.42
N PRO C 129 -4.85 -3.64 -5.20
CA PRO C 129 -4.82 -4.83 -4.36
C PRO C 129 -4.77 -4.50 -2.88
N SER C 130 -5.22 -5.46 -2.08
CA SER C 130 -4.94 -5.47 -0.64
C SER C 130 -3.78 -6.44 -0.45
N VAL C 131 -2.82 -6.07 0.38
CA VAL C 131 -1.59 -6.86 0.52
C VAL C 131 -1.52 -7.35 1.97
N TYR C 132 -1.52 -8.66 2.15
CA TYR C 132 -1.60 -9.26 3.48
C TYR C 132 -0.34 -10.09 3.73
N PRO C 133 0.24 -9.98 4.91
CA PRO C 133 1.44 -10.78 5.22
C PRO C 133 1.06 -12.21 5.56
N LEU C 134 1.95 -13.14 5.17
CA LEU C 134 1.80 -14.54 5.54
C LEU C 134 2.99 -14.89 6.41
N ALA C 135 2.76 -14.99 7.72
CA ALA C 135 3.79 -15.40 8.66
C ALA C 135 3.33 -16.67 9.38
N PRO C 136 4.26 -17.55 9.76
CA PRO C 136 3.85 -18.80 10.40
C PRO C 136 3.08 -18.54 11.68
N GLY C 137 2.20 -19.49 12.02
CA GLY C 137 1.51 -19.45 13.30
C GLY C 137 2.50 -19.27 14.44
N SER C 138 2.09 -18.56 15.49
CA SER C 138 2.96 -18.33 16.64
C SER C 138 3.64 -19.63 17.08
N ALA C 139 2.90 -20.73 17.09
CA ALA C 139 3.48 -22.05 17.28
C ALA C 139 3.75 -22.72 15.94
N ASN C 143 13.02 -25.26 12.30
CA ASN C 143 13.52 -25.56 10.97
C ASN C 143 14.60 -24.58 10.54
N SER C 144 15.62 -25.09 9.83
CA SER C 144 16.72 -24.24 9.40
C SER C 144 16.27 -23.23 8.36
N MET C 145 15.21 -23.54 7.62
CA MET C 145 14.65 -22.65 6.62
C MET C 145 13.24 -22.28 7.05
N VAL C 146 12.83 -21.04 6.77
CA VAL C 146 11.49 -20.59 7.06
C VAL C 146 10.89 -20.04 5.78
N THR C 147 9.63 -20.37 5.53
CA THR C 147 8.90 -19.86 4.38
C THR C 147 7.90 -18.82 4.86
N LEU C 148 7.93 -17.65 4.21
CA LEU C 148 7.04 -16.53 4.48
C LEU C 148 6.31 -16.22 3.18
N GLY C 149 5.33 -15.32 3.25
CA GLY C 149 4.73 -14.98 1.97
C GLY C 149 3.92 -13.71 2.04
N CYS C 150 3.32 -13.39 0.89
CA CYS C 150 2.41 -12.26 0.81
C CYS C 150 1.23 -12.69 -0.04
N LEU C 151 0.02 -12.33 0.40
CA LEU C 151 -1.22 -12.54 -0.32
C LEU C 151 -1.67 -11.21 -0.90
N VAL C 152 -1.86 -11.15 -2.22
CA VAL C 152 -2.16 -9.93 -2.97
C VAL C 152 -3.55 -10.13 -3.52
N LYS C 153 -4.56 -9.51 -2.91
CA LYS C 153 -5.94 -9.94 -3.12
C LYS C 153 -6.82 -8.83 -3.65
N GLY C 154 -7.70 -9.19 -4.58
CA GLY C 154 -8.76 -8.29 -4.98
C GLY C 154 -8.39 -7.19 -5.93
N TYR C 155 -7.54 -7.47 -6.94
CA TYR C 155 -7.06 -6.43 -7.84
C TYR C 155 -7.49 -6.68 -9.28
N PHE C 156 -7.45 -5.61 -10.05
CA PHE C 156 -7.80 -5.72 -11.47
C PHE C 156 -7.25 -4.51 -12.20
N PRO C 157 -6.69 -4.66 -13.42
CA PRO C 157 -6.37 -5.87 -14.17
C PRO C 157 -5.00 -6.41 -13.81
N GLU C 158 -4.59 -7.51 -14.45
CA GLU C 158 -3.20 -7.92 -14.37
C GLU C 158 -2.33 -6.91 -15.10
N PRO C 159 -1.02 -6.87 -14.81
CA PRO C 159 -0.28 -7.69 -13.85
C PRO C 159 -0.03 -6.97 -12.53
N VAL C 160 0.38 -7.72 -11.50
CA VAL C 160 1.10 -7.16 -10.37
C VAL C 160 2.49 -7.78 -10.39
N THR C 161 3.47 -7.06 -9.87
CA THR C 161 4.79 -7.63 -9.71
C THR C 161 5.09 -7.71 -8.22
N VAL C 162 5.81 -8.77 -7.81
CA VAL C 162 6.20 -8.94 -6.42
C VAL C 162 7.70 -9.15 -6.34
N THR C 163 8.38 -8.34 -5.54
CA THR C 163 9.77 -8.59 -5.18
C THR C 163 9.88 -8.77 -3.67
N TRP C 164 11.04 -9.24 -3.24
CA TRP C 164 11.33 -9.46 -1.82
C TRP C 164 12.60 -8.70 -1.47
N ASN C 165 12.50 -7.81 -0.49
CA ASN C 165 13.61 -6.97 -0.08
C ASN C 165 14.22 -6.29 -1.30
N SER C 166 13.35 -5.70 -2.12
CA SER C 166 13.71 -4.94 -3.32
C SER C 166 14.71 -5.68 -4.21
N GLY C 167 14.56 -7.00 -4.29
CA GLY C 167 15.38 -7.80 -5.19
C GLY C 167 16.56 -8.48 -4.53
N SER C 168 16.87 -8.16 -3.28
CA SER C 168 18.01 -8.79 -2.66
C SER C 168 17.70 -10.24 -2.24
N LEU C 169 16.43 -10.60 -2.11
CA LEU C 169 16.02 -12.00 -1.96
C LEU C 169 15.47 -12.44 -3.33
N SER C 170 16.26 -13.21 -4.08
CA SER C 170 15.82 -13.59 -5.42
C SER C 170 15.65 -15.09 -5.57
N SER C 171 16.62 -15.85 -5.11
CA SER C 171 16.47 -17.28 -5.08
C SER C 171 15.46 -17.65 -3.99
N GLY C 172 14.83 -18.80 -4.15
CA GLY C 172 13.86 -19.23 -3.15
C GLY C 172 12.53 -18.50 -3.19
N VAL C 173 12.20 -17.79 -4.27
CA VAL C 173 10.92 -17.11 -4.41
C VAL C 173 10.05 -17.86 -5.40
N HIS C 174 8.78 -18.00 -5.06
CA HIS C 174 7.75 -18.45 -6.00
C HIS C 174 6.62 -17.44 -6.03
N THR C 175 6.34 -16.85 -7.18
CA THR C 175 5.16 -16.02 -7.31
C THR C 175 4.15 -16.80 -8.13
N PHE C 176 2.96 -17.09 -7.51
CA PHE C 176 2.02 -17.99 -8.16
C PHE C 176 1.14 -17.24 -9.15
N PRO C 177 0.73 -17.89 -10.24
CA PRO C 177 -0.19 -17.25 -11.19
C PRO C 177 -1.48 -16.78 -10.53
N ALA C 178 -1.94 -15.60 -10.92
CA ALA C 178 -3.16 -15.06 -10.33
C ALA C 178 -4.38 -15.90 -10.73
N VAL C 179 -5.35 -15.98 -9.81
CA VAL C 179 -6.62 -16.65 -10.02
C VAL C 179 -7.72 -15.60 -10.07
N LEU C 180 -8.63 -15.74 -11.06
CA LEU C 180 -9.74 -14.80 -11.27
C LEU C 180 -11.01 -15.34 -10.63
N GLN C 181 -11.68 -14.52 -9.82
CA GLN C 181 -13.00 -14.86 -9.32
C GLN C 181 -13.78 -13.58 -9.06
N SER C 182 -15.07 -13.59 -9.41
CA SER C 182 -15.94 -12.43 -9.23
C SER C 182 -15.30 -11.16 -9.79
N ASP C 183 -14.61 -11.30 -10.92
CA ASP C 183 -13.97 -10.21 -11.66
C ASP C 183 -12.76 -9.62 -10.94
N LEU C 184 -12.17 -10.33 -9.97
CA LEU C 184 -10.97 -9.82 -9.31
C LEU C 184 -9.92 -10.92 -9.25
N TYR C 185 -8.67 -10.49 -9.35
CA TYR C 185 -7.53 -11.39 -9.25
C TYR C 185 -7.00 -11.46 -7.82
N THR C 186 -6.48 -12.64 -7.49
CA THR C 186 -5.72 -12.84 -6.26
C THR C 186 -4.49 -13.65 -6.60
N LEU C 187 -3.32 -13.22 -6.09
CA LEU C 187 -2.15 -14.10 -6.18
C LEU C 187 -1.43 -14.14 -4.84
N SER C 188 -0.53 -15.08 -4.72
CA SER C 188 0.34 -15.14 -3.55
C SER C 188 1.77 -15.29 -4.01
N SER C 189 2.69 -14.96 -3.12
CA SER C 189 4.11 -15.16 -3.37
C SER C 189 4.74 -15.73 -2.11
N SER C 190 5.59 -16.73 -2.26
CA SER C 190 6.34 -17.29 -1.14
C SER C 190 7.83 -16.99 -1.27
N VAL C 191 8.51 -16.90 -0.12
CA VAL C 191 9.96 -16.73 -0.10
C VAL C 191 10.49 -17.60 1.02
N THR C 192 11.59 -18.29 0.75
CA THR C 192 12.18 -19.18 1.75
C THR C 192 13.57 -18.67 2.10
N VAL C 193 13.79 -18.40 3.39
CA VAL C 193 15.07 -17.83 3.84
C VAL C 193 15.61 -18.62 5.02
N PRO C 194 16.88 -18.44 5.38
CA PRO C 194 17.38 -19.08 6.61
C PRO C 194 16.71 -18.50 7.86
N SER C 195 16.43 -19.40 8.82
CA SER C 195 15.74 -19.03 10.05
C SER C 195 16.54 -18.02 10.88
N SER C 196 17.84 -17.99 10.70
CA SER C 196 18.72 -17.03 11.35
C SER C 196 18.57 -15.64 10.77
N THR C 197 17.94 -15.50 9.61
CA THR C 197 17.77 -14.21 8.99
C THR C 197 16.42 -13.60 9.31
N TRP C 198 15.46 -14.38 9.83
CA TRP C 198 14.14 -13.85 10.14
C TRP C 198 13.64 -14.51 11.41
N PRO C 199 13.15 -13.73 12.39
CA PRO C 199 12.86 -12.29 12.28
C PRO C 199 13.99 -11.33 12.64
N SER C 200 15.22 -11.82 12.83
CA SER C 200 16.31 -10.94 13.25
C SER C 200 16.62 -9.87 12.20
N GLU C 201 16.48 -10.20 10.91
CA GLU C 201 16.57 -9.22 9.85
C GLU C 201 15.20 -9.08 9.19
N THR C 202 14.96 -7.95 8.58
CA THR C 202 13.63 -7.70 8.06
C THR C 202 13.45 -8.37 6.71
N VAL C 203 12.24 -8.89 6.48
CA VAL C 203 11.79 -9.40 5.20
C VAL C 203 10.54 -8.64 4.81
N THR C 204 10.55 -8.05 3.62
CA THR C 204 9.47 -7.19 3.15
C THR C 204 9.06 -7.65 1.76
N CYS C 205 7.76 -7.78 1.51
CA CYS C 205 7.35 -7.98 0.13
C CYS C 205 6.98 -6.63 -0.47
N ASN C 206 7.47 -6.38 -1.68
CA ASN C 206 7.23 -5.17 -2.43
C ASN C 206 6.29 -5.50 -3.57
N VAL C 207 5.09 -4.93 -3.56
CA VAL C 207 4.04 -5.26 -4.51
C VAL C 207 3.77 -4.04 -5.36
N ALA C 208 3.76 -4.22 -6.68
CA ALA C 208 3.46 -3.10 -7.58
C ALA C 208 2.25 -3.45 -8.42
N HIS C 209 1.29 -2.52 -8.53
CA HIS C 209 0.14 -2.64 -9.41
C HIS C 209 0.10 -1.39 -10.27
N PRO C 210 0.79 -1.40 -11.41
CA PRO C 210 0.86 -0.19 -12.23
C PRO C 210 -0.51 0.34 -12.67
N ALA C 211 -1.49 -0.53 -12.95
CA ALA C 211 -2.76 -0.05 -13.47
C ALA C 211 -3.47 0.89 -12.50
N SER C 212 -3.28 0.70 -11.19
CA SER C 212 -3.88 1.58 -10.19
C SER C 212 -2.85 2.51 -9.57
N SER C 213 -1.67 2.61 -10.16
CA SER C 213 -0.61 3.49 -9.67
C SER C 213 -0.26 3.21 -8.22
N THR C 214 -0.21 1.93 -7.85
CA THR C 214 -0.02 1.56 -6.44
C THR C 214 1.29 0.80 -6.25
N LYS C 215 2.00 1.13 -5.17
CA LYS C 215 3.05 0.26 -4.66
C LYS C 215 2.83 0.05 -3.17
N VAL C 216 2.99 -1.18 -2.68
CA VAL C 216 2.83 -1.48 -1.26
C VAL C 216 4.06 -2.26 -0.78
N ASP C 217 4.64 -1.84 0.34
CA ASP C 217 5.68 -2.61 1.00
C ASP C 217 5.09 -3.17 2.29
N LYS C 218 5.05 -4.50 2.42
CA LYS C 218 4.54 -5.14 3.62
C LYS C 218 5.67 -5.89 4.33
N LYS C 219 6.09 -5.38 5.49
CA LYS C 219 7.09 -6.08 6.28
C LYS C 219 6.43 -7.27 6.95
N ILE C 220 7.08 -8.44 6.91
CA ILE C 220 6.53 -9.64 7.53
C ILE C 220 7.01 -9.73 8.97
N VAL C 221 6.11 -9.55 9.93
CA VAL C 221 6.53 -9.57 11.34
C VAL C 221 6.02 -10.84 12.00
N PRO C 222 6.74 -11.40 12.97
CA PRO C 222 6.27 -12.62 13.62
C PRO C 222 4.96 -12.37 14.33
N ARG C 223 4.10 -13.39 14.34
CA ARG C 223 2.84 -13.28 15.08
C ARG C 223 3.11 -13.49 16.57
N ASP C 224 2.58 -12.57 17.39
CA ASP C 224 2.67 -12.54 18.86
C ASP C 224 3.36 -13.74 19.53
N ASP D 1 -13.48 -23.88 -41.98
CA ASP D 1 -12.10 -23.66 -41.55
C ASP D 1 -11.39 -24.97 -41.27
N VAL D 2 -10.08 -25.00 -41.53
CA VAL D 2 -9.29 -26.18 -41.21
C VAL D 2 -9.07 -26.23 -39.70
N VAL D 3 -9.48 -27.33 -39.08
CA VAL D 3 -9.20 -27.62 -37.69
C VAL D 3 -7.96 -28.49 -37.63
N LEU D 4 -6.97 -28.09 -36.82
CA LEU D 4 -5.76 -28.87 -36.58
C LEU D 4 -5.84 -29.42 -35.17
N THR D 5 -5.80 -30.75 -35.05
CA THR D 5 -5.84 -31.43 -33.76
C THR D 5 -4.46 -31.96 -33.40
N GLN D 6 -3.88 -31.43 -32.33
CA GLN D 6 -2.55 -31.83 -31.87
C GLN D 6 -2.66 -32.85 -30.76
N SER D 7 -1.85 -33.89 -30.85
CA SER D 7 -1.79 -34.95 -29.88
C SER D 7 -0.34 -35.31 -29.61
N PRO D 8 0.02 -35.59 -28.34
CA PRO D 8 -0.82 -35.45 -27.14
C PRO D 8 -0.90 -33.97 -26.69
N ALA D 9 -1.84 -33.61 -25.81
CA ALA D 9 -1.89 -32.23 -25.35
C ALA D 9 -0.70 -31.89 -24.45
N THR D 10 -0.25 -32.88 -23.67
CA THR D 10 0.89 -32.68 -22.78
C THR D 10 1.70 -33.96 -22.77
N LEU D 11 3.01 -33.82 -22.62
CA LEU D 11 3.88 -35.00 -22.59
C LEU D 11 5.10 -34.67 -21.76
N SER D 12 5.46 -35.53 -20.83
CA SER D 12 6.68 -35.36 -20.06
C SER D 12 7.72 -36.36 -20.54
N VAL D 13 8.93 -35.86 -20.84
CA VAL D 13 10.00 -36.74 -21.29
C VAL D 13 11.34 -36.35 -20.66
N THR D 14 12.17 -37.33 -20.52
CA THR D 14 13.50 -37.12 -19.95
C THR D 14 14.43 -36.61 -21.04
N PRO D 15 15.22 -35.56 -20.79
CA PRO D 15 16.20 -35.12 -21.78
C PRO D 15 16.99 -36.31 -22.31
N GLY D 16 17.13 -36.38 -23.64
CA GLY D 16 17.78 -37.50 -24.29
C GLY D 16 16.83 -38.51 -24.90
N ASP D 17 15.58 -38.54 -24.43
CA ASP D 17 14.53 -39.31 -25.11
C ASP D 17 14.20 -38.68 -26.47
N SER D 18 13.48 -39.43 -27.31
CA SER D 18 12.99 -38.89 -28.57
C SER D 18 11.46 -38.93 -28.57
N VAL D 19 10.87 -37.94 -29.24
CA VAL D 19 9.42 -37.83 -29.28
C VAL D 19 8.93 -37.63 -30.71
N SER D 20 7.65 -37.95 -30.91
CA SER D 20 6.94 -37.70 -32.15
C SER D 20 5.63 -37.02 -31.77
N LEU D 21 5.43 -35.81 -32.28
CA LEU D 21 4.24 -35.02 -31.98
C LEU D 21 3.35 -35.04 -33.21
N SER D 22 2.05 -35.21 -33.01
CA SER D 22 1.11 -35.42 -34.08
C SER D 22 0.27 -34.18 -34.30
N CYS D 23 0.01 -33.87 -35.57
CA CYS D 23 -0.92 -32.81 -35.96
C CYS D 23 -1.81 -33.35 -37.07
N ARG D 24 -3.12 -33.38 -36.86
CA ARG D 24 -4.03 -33.97 -37.84
C ARG D 24 -4.99 -32.90 -38.32
N ALA D 25 -5.10 -32.74 -39.63
CA ALA D 25 -5.96 -31.71 -40.21
C ALA D 25 -7.34 -32.30 -40.55
N SER D 26 -8.37 -31.45 -40.41
CA SER D 26 -9.74 -31.90 -40.67
C SER D 26 -10.03 -32.10 -42.15
N GLN D 27 -9.23 -31.47 -43.03
CA GLN D 27 -9.32 -31.67 -44.47
C GLN D 27 -7.90 -31.62 -45.02
N THR D 28 -7.73 -32.06 -46.26
CA THR D 28 -6.36 -32.18 -46.78
C THR D 28 -5.78 -30.79 -47.01
N ILE D 29 -4.50 -30.63 -46.66
CA ILE D 29 -3.86 -29.32 -46.76
C ILE D 29 -2.50 -29.45 -47.45
N SER D 30 -2.37 -30.46 -48.33
CA SER D 30 -1.12 -30.69 -49.06
C SER D 30 0.03 -30.75 -48.06
N ASP D 31 1.11 -30.00 -48.24
CA ASP D 31 2.22 -29.90 -47.31
C ASP D 31 2.25 -28.55 -46.60
N ASN D 32 1.13 -27.83 -46.58
CA ASN D 32 1.12 -26.45 -46.13
C ASN D 32 0.98 -26.39 -44.61
N LEU D 33 1.91 -27.02 -43.91
CA LEU D 33 1.82 -27.22 -42.45
C LEU D 33 3.16 -26.86 -41.83
N HIS D 34 3.16 -25.94 -40.87
CA HIS D 34 4.39 -25.40 -40.27
C HIS D 34 4.38 -25.62 -38.77
N TRP D 35 5.59 -25.68 -38.18
CA TRP D 35 5.75 -25.97 -36.75
C TRP D 35 6.55 -24.86 -36.08
N TYR D 36 6.06 -24.46 -34.87
CA TYR D 36 6.69 -23.44 -34.03
C TYR D 36 6.88 -23.94 -32.61
N LEU D 37 7.94 -23.46 -31.96
CA LEU D 37 8.18 -23.70 -30.54
C LEU D 37 8.05 -22.38 -29.82
N GLN D 38 7.26 -22.34 -28.75
CA GLN D 38 7.18 -21.16 -27.90
C GLN D 38 7.66 -21.55 -26.50
N LYS D 39 8.82 -21.02 -26.12
CA LYS D 39 9.30 -21.30 -24.78
C LYS D 39 8.68 -20.31 -23.80
N SER D 40 8.80 -20.62 -22.52
CA SER D 40 8.16 -19.76 -21.52
C SER D 40 8.77 -18.37 -21.59
N HIS D 41 7.90 -17.37 -21.53
CA HIS D 41 8.23 -15.95 -21.59
C HIS D 41 8.78 -15.52 -22.95
N GLU D 42 8.55 -16.29 -24.02
CA GLU D 42 9.11 -15.94 -25.31
C GLU D 42 8.03 -15.98 -26.38
N SER D 43 8.37 -15.39 -27.51
CA SER D 43 7.56 -15.43 -28.71
C SER D 43 7.72 -16.78 -29.41
N PRO D 44 6.77 -17.18 -30.24
CA PRO D 44 6.95 -18.40 -31.04
C PRO D 44 8.14 -18.27 -31.97
N ARG D 45 8.68 -19.44 -32.33
CA ARG D 45 9.85 -19.54 -33.20
C ARG D 45 9.61 -20.64 -34.23
N LEU D 46 9.77 -20.28 -35.50
CA LEU D 46 9.63 -21.26 -36.57
C LEU D 46 10.69 -22.36 -36.46
N LEU D 47 10.24 -23.63 -36.49
CA LEU D 47 11.12 -24.79 -36.49
C LEU D 47 11.20 -25.48 -37.84
N ILE D 48 10.06 -25.64 -38.48
CA ILE D 48 9.96 -26.45 -39.70
C ILE D 48 8.88 -25.81 -40.55
N LYS D 49 9.12 -25.64 -41.85
CA LYS D 49 8.03 -25.12 -42.69
C LYS D 49 7.70 -26.12 -43.78
N TYR D 50 6.47 -26.03 -44.29
CA TYR D 50 5.98 -26.90 -45.38
C TYR D 50 6.29 -28.37 -45.11
N SER D 51 5.85 -28.81 -43.93
CA SER D 51 5.88 -30.19 -43.43
C SER D 51 7.28 -30.66 -43.04
N SER D 52 8.27 -30.45 -43.92
CA SER D 52 9.58 -31.07 -43.73
C SER D 52 10.78 -30.18 -44.05
N GLN D 53 10.57 -28.93 -44.44
CA GLN D 53 11.69 -28.11 -44.89
C GLN D 53 12.44 -27.53 -43.70
N SER D 54 13.78 -27.64 -43.72
CA SER D 54 14.54 -27.19 -42.58
C SER D 54 14.76 -25.69 -42.63
N ILE D 55 15.04 -25.12 -41.46
CA ILE D 55 15.19 -23.69 -41.24
C ILE D 55 16.62 -23.44 -40.78
N SER D 56 17.30 -22.50 -41.43
CA SER D 56 18.68 -22.27 -41.01
C SER D 56 18.71 -21.80 -39.56
N GLY D 57 19.65 -22.35 -38.78
CA GLY D 57 19.73 -22.01 -37.37
C GLY D 57 18.99 -22.96 -36.44
N ILE D 58 18.12 -23.81 -36.95
CA ILE D 58 17.40 -24.77 -36.11
C ILE D 58 18.19 -26.09 -36.08
N PRO D 59 18.39 -26.69 -34.91
CA PRO D 59 19.22 -27.91 -34.83
C PRO D 59 18.63 -29.06 -35.61
N SER D 60 19.50 -29.97 -36.06
CA SER D 60 19.10 -31.08 -36.90
C SER D 60 18.25 -32.09 -36.16
N ARG D 61 18.21 -32.04 -34.83
CA ARG D 61 17.37 -33.00 -34.13
C ARG D 61 15.89 -32.75 -34.35
N PHE D 62 15.50 -31.60 -34.89
CA PHE D 62 14.10 -31.39 -35.28
C PHE D 62 13.88 -31.83 -36.72
N SER D 63 12.81 -32.60 -36.94
CA SER D 63 12.51 -33.16 -38.27
C SER D 63 11.01 -33.19 -38.43
N GLY D 64 10.50 -32.89 -39.62
CA GLY D 64 9.06 -32.93 -39.85
C GLY D 64 8.72 -33.80 -41.02
N SER D 65 7.51 -34.36 -40.98
CA SER D 65 7.05 -35.15 -42.13
C SER D 65 5.52 -35.14 -42.22
N GLY D 66 5.04 -35.60 -43.37
CA GLY D 66 3.61 -35.75 -43.58
C GLY D 66 3.09 -34.97 -44.77
N SER D 67 1.95 -35.41 -45.31
CA SER D 67 1.27 -34.63 -46.33
C SER D 67 -0.18 -35.07 -46.32
N GLY D 68 -1.07 -34.16 -46.74
CA GLY D 68 -2.47 -34.51 -46.73
C GLY D 68 -3.13 -34.08 -45.44
N THR D 69 -3.40 -35.03 -44.54
CA THR D 69 -3.99 -34.70 -43.25
C THR D 69 -3.17 -35.07 -42.02
N ASP D 70 -2.15 -35.93 -42.12
CA ASP D 70 -1.45 -36.41 -40.93
C ASP D 70 0.01 -35.99 -40.93
N PHE D 71 0.42 -35.22 -39.92
CA PHE D 71 1.74 -34.63 -39.87
C PHE D 71 2.41 -34.99 -38.56
N THR D 72 3.74 -35.06 -38.59
CA THR D 72 4.54 -35.45 -37.44
C THR D 72 5.74 -34.53 -37.30
N LEU D 73 6.00 -34.09 -36.08
CA LEU D 73 7.25 -33.43 -35.73
C LEU D 73 8.05 -34.37 -34.85
N ASN D 74 9.21 -34.80 -35.31
CA ASN D 74 10.13 -35.61 -34.54
C ASN D 74 11.16 -34.72 -33.86
N ILE D 75 11.44 -35.02 -32.59
CA ILE D 75 12.57 -34.41 -31.87
C ILE D 75 13.40 -35.58 -31.39
N ASN D 76 14.59 -35.72 -31.95
CA ASN D 76 15.43 -36.88 -31.72
C ASN D 76 16.53 -36.49 -30.74
N SER D 77 16.45 -37.02 -29.52
CA SER D 77 17.28 -36.63 -28.39
C SER D 77 16.95 -35.20 -27.93
N VAL D 78 15.80 -35.05 -27.30
CA VAL D 78 15.34 -33.77 -26.78
C VAL D 78 16.38 -33.19 -25.82
N GLU D 79 16.67 -31.90 -25.98
CA GLU D 79 17.60 -31.22 -25.09
C GLU D 79 16.84 -30.33 -24.11
N THR D 80 17.52 -29.96 -23.01
CA THR D 80 16.88 -29.12 -22.00
C THR D 80 16.29 -27.85 -22.62
N GLU D 81 16.98 -27.26 -23.59
CA GLU D 81 16.49 -26.02 -24.15
C GLU D 81 15.25 -26.18 -25.05
N ASP D 82 14.81 -27.40 -25.34
CA ASP D 82 13.70 -27.66 -26.24
C ASP D 82 12.33 -27.72 -25.57
N PHE D 83 12.25 -27.68 -24.25
CA PHE D 83 10.95 -27.83 -23.59
C PHE D 83 10.14 -26.55 -23.73
N GLY D 84 8.84 -26.72 -23.92
CA GLY D 84 8.00 -25.59 -24.25
C GLY D 84 6.76 -26.08 -24.99
N MET D 85 6.07 -25.13 -25.60
CA MET D 85 4.82 -25.45 -26.30
C MET D 85 5.08 -25.53 -27.80
N TYR D 86 4.60 -26.60 -28.43
CA TYR D 86 4.79 -26.84 -29.86
C TYR D 86 3.46 -26.66 -30.56
N PHE D 87 3.40 -25.76 -31.52
CA PHE D 87 2.18 -25.47 -32.28
C PHE D 87 2.39 -25.83 -33.74
N CYS D 88 1.34 -26.36 -34.39
CA CYS D 88 1.31 -26.46 -35.84
C CYS D 88 0.34 -25.42 -36.41
N GLN D 89 0.51 -25.12 -37.69
CA GLN D 89 -0.27 -24.05 -38.30
C GLN D 89 -0.37 -24.30 -39.80
N GLN D 90 -1.53 -24.03 -40.41
CA GLN D 90 -1.69 -24.31 -41.84
C GLN D 90 -1.85 -23.04 -42.65
N THR D 91 -1.32 -23.07 -43.88
CA THR D 91 -1.48 -21.95 -44.82
C THR D 91 -2.13 -22.39 -46.14
N ASN D 92 -2.89 -23.49 -46.11
CA ASN D 92 -3.54 -23.97 -47.31
C ASN D 92 -4.77 -23.14 -47.67
N SER D 93 -5.44 -22.56 -46.68
CA SER D 93 -6.67 -21.83 -46.96
C SER D 93 -6.95 -20.83 -45.85
N TRP D 94 -7.68 -19.79 -46.19
CA TRP D 94 -8.14 -18.81 -45.21
C TRP D 94 -9.39 -19.33 -44.51
N PRO D 95 -9.55 -19.07 -43.19
CA PRO D 95 -8.60 -18.36 -42.33
C PRO D 95 -7.39 -19.21 -41.99
N LEU D 96 -6.26 -18.53 -41.77
CA LEU D 96 -5.11 -19.23 -41.24
C LEU D 96 -5.44 -19.74 -39.84
N THR D 97 -5.09 -20.98 -39.53
CA THR D 97 -5.45 -21.59 -38.25
C THR D 97 -4.25 -22.32 -37.65
N PHE D 98 -4.32 -22.47 -36.32
CA PHE D 98 -3.30 -23.10 -35.50
C PHE D 98 -3.90 -24.29 -34.76
N GLY D 99 -3.07 -25.29 -34.49
CA GLY D 99 -3.43 -26.28 -33.49
C GLY D 99 -3.36 -25.69 -32.09
N ALA D 100 -3.93 -26.40 -31.12
CA ALA D 100 -4.00 -25.91 -29.74
C ALA D 100 -2.69 -26.07 -28.98
N GLY D 101 -1.71 -26.77 -29.56
CA GLY D 101 -0.43 -26.93 -28.90
C GLY D 101 -0.23 -28.22 -28.15
N THR D 102 0.99 -28.74 -28.19
CA THR D 102 1.46 -29.80 -27.32
C THR D 102 2.47 -29.22 -26.35
N LYS D 103 2.24 -29.38 -25.05
CA LYS D 103 3.16 -28.89 -24.02
C LYS D 103 4.17 -29.99 -23.72
N LEU D 104 5.43 -29.75 -24.03
CA LEU D 104 6.52 -30.68 -23.70
C LEU D 104 7.16 -30.23 -22.40
N GLU D 105 7.08 -31.09 -21.40
CA GLU D 105 7.62 -30.81 -20.07
C GLU D 105 8.69 -31.81 -19.71
N LEU D 106 9.57 -31.40 -18.81
CA LEU D 106 10.81 -32.11 -18.51
C LEU D 106 10.57 -33.11 -17.38
N LYS D 107 10.85 -34.38 -17.64
CA LYS D 107 10.75 -35.42 -16.63
C LYS D 107 12.05 -35.54 -15.85
N ARG D 108 11.94 -35.46 -14.53
CA ARG D 108 13.10 -35.59 -13.63
C ARG D 108 12.79 -36.56 -12.51
N THR D 109 13.70 -36.70 -11.54
CA THR D 109 13.45 -37.61 -10.42
C THR D 109 12.33 -37.05 -9.53
N ASP D 110 11.67 -37.94 -8.80
CA ASP D 110 10.59 -37.50 -7.93
C ASP D 110 11.15 -36.64 -6.79
N ALA D 111 10.32 -35.72 -6.31
CA ALA D 111 10.72 -34.81 -5.25
C ALA D 111 9.48 -34.51 -4.41
N ALA D 112 9.61 -34.64 -3.07
CA ALA D 112 8.46 -34.42 -2.19
C ALA D 112 8.28 -32.93 -1.95
N PRO D 113 7.04 -32.48 -1.75
CA PRO D 113 6.78 -31.06 -1.54
C PRO D 113 7.14 -30.62 -0.13
N THR D 114 7.56 -29.36 -0.02
CA THR D 114 7.72 -28.69 1.26
C THR D 114 6.44 -27.92 1.51
N VAL D 115 5.73 -28.23 2.59
CA VAL D 115 4.38 -27.74 2.86
C VAL D 115 4.41 -26.76 4.02
N SER D 116 3.78 -25.59 3.85
CA SER D 116 3.72 -24.56 4.87
C SER D 116 2.30 -24.00 4.93
N ILE D 117 1.74 -23.83 6.15
CA ILE D 117 0.39 -23.28 6.30
C ILE D 117 0.46 -21.94 7.04
N PHE D 118 -0.43 -21.01 6.67
CA PHE D 118 -0.40 -19.64 7.20
C PHE D 118 -1.80 -19.21 7.58
N PRO D 119 -1.97 -18.66 8.80
CA PRO D 119 -3.26 -18.17 9.23
C PRO D 119 -3.61 -16.86 8.53
N PRO D 120 -4.87 -16.47 8.57
CA PRO D 120 -5.25 -15.12 8.11
C PRO D 120 -4.48 -14.06 8.87
N SER D 121 -4.13 -13.01 8.14
CA SER D 121 -3.50 -11.86 8.76
C SER D 121 -4.52 -11.09 9.56
N SER D 122 -4.07 -10.41 10.62
CA SER D 122 -5.00 -9.55 11.33
C SER D 122 -5.51 -8.43 10.42
N GLU D 123 -4.68 -8.00 9.47
CA GLU D 123 -5.10 -6.97 8.53
C GLU D 123 -6.31 -7.42 7.73
N GLN D 124 -6.27 -8.63 7.19
CA GLN D 124 -7.41 -9.14 6.43
C GLN D 124 -8.65 -9.27 7.32
N LEU D 125 -8.48 -9.79 8.55
CA LEU D 125 -9.62 -9.93 9.44
C LEU D 125 -10.32 -8.61 9.69
N THR D 126 -9.58 -7.48 9.73
CA THR D 126 -10.29 -6.21 9.90
C THR D 126 -11.23 -5.89 8.75
N SER D 127 -11.11 -6.56 7.63
CA SER D 127 -11.96 -6.30 6.47
C SER D 127 -13.13 -7.27 6.36
N GLY D 128 -13.28 -8.20 7.31
CA GLY D 128 -14.37 -9.14 7.30
C GLY D 128 -14.10 -10.46 6.61
N GLY D 129 -12.91 -10.63 6.04
CA GLY D 129 -12.55 -11.83 5.32
C GLY D 129 -11.46 -12.61 6.05
N ALA D 130 -11.25 -13.86 5.69
CA ALA D 130 -10.20 -14.65 6.31
C ALA D 130 -9.73 -15.69 5.30
N SER D 131 -8.51 -15.52 4.83
CA SER D 131 -7.91 -16.47 3.91
C SER D 131 -6.82 -17.25 4.63
N VAL D 132 -6.88 -18.58 4.54
CA VAL D 132 -5.86 -19.46 5.07
C VAL D 132 -5.08 -19.97 3.87
N VAL D 133 -3.75 -19.86 3.92
CA VAL D 133 -2.93 -20.17 2.74
C VAL D 133 -2.03 -21.36 3.02
N CYS D 134 -1.92 -22.24 2.02
CA CYS D 134 -1.00 -23.39 2.08
C CYS D 134 -0.10 -23.33 0.85
N PHE D 135 1.21 -23.36 1.06
CA PHE D 135 2.19 -23.46 -0.03
C PHE D 135 2.72 -24.87 -0.06
N LEU D 136 2.79 -25.47 -1.26
CA LEU D 136 3.31 -26.81 -1.45
C LEU D 136 4.40 -26.66 -2.51
N ASN D 137 5.66 -26.60 -2.08
CA ASN D 137 6.73 -26.07 -2.92
C ASN D 137 7.70 -27.15 -3.38
N ASN D 138 8.12 -27.05 -4.65
CA ASN D 138 9.25 -27.77 -5.25
C ASN D 138 9.06 -29.29 -5.20
N PHE D 139 7.99 -29.75 -5.85
CA PHE D 139 7.69 -31.17 -5.90
C PHE D 139 7.70 -31.67 -7.35
N TYR D 140 7.84 -32.98 -7.51
CA TYR D 140 7.79 -33.58 -8.85
C TYR D 140 7.36 -35.02 -8.64
N PRO D 141 6.40 -35.56 -9.42
CA PRO D 141 5.67 -34.97 -10.55
C PRO D 141 4.55 -34.00 -10.16
N LYS D 142 3.90 -33.43 -11.19
CA LYS D 142 2.97 -32.32 -10.99
C LYS D 142 1.70 -32.76 -10.26
N ASP D 143 1.33 -34.03 -10.36
CA ASP D 143 0.07 -34.47 -9.76
C ASP D 143 0.15 -34.42 -8.24
N ILE D 144 -0.78 -33.69 -7.62
CA ILE D 144 -0.82 -33.58 -6.17
C ILE D 144 -2.25 -33.31 -5.78
N ASN D 145 -2.62 -33.72 -4.58
CA ASN D 145 -3.97 -33.49 -4.08
C ASN D 145 -3.85 -32.76 -2.76
N VAL D 146 -4.63 -31.69 -2.60
CA VAL D 146 -4.68 -30.97 -1.33
C VAL D 146 -6.10 -31.10 -0.77
N LYS D 147 -6.19 -31.45 0.51
CA LYS D 147 -7.47 -31.47 1.22
C LYS D 147 -7.39 -30.47 2.37
N TRP D 148 -8.38 -29.60 2.47
CA TRP D 148 -8.47 -28.72 3.63
C TRP D 148 -9.36 -29.35 4.69
N LYS D 149 -9.01 -29.17 5.94
CA LYS D 149 -9.88 -29.58 7.05
C LYS D 149 -10.02 -28.44 8.05
N ILE D 150 -11.23 -28.28 8.56
CA ILE D 150 -11.52 -27.34 9.65
C ILE D 150 -11.96 -28.18 10.83
N ASP D 151 -11.27 -28.05 11.96
CA ASP D 151 -11.54 -28.90 13.13
C ASP D 151 -11.57 -30.38 12.74
N GLY D 152 -10.69 -30.76 11.80
CA GLY D 152 -10.57 -32.15 11.37
C GLY D 152 -11.58 -32.63 10.35
N SER D 153 -12.51 -31.79 9.92
CA SER D 153 -13.53 -32.18 8.95
C SER D 153 -13.24 -31.52 7.61
N GLU D 154 -13.30 -32.32 6.55
CA GLU D 154 -13.00 -31.85 5.21
C GLU D 154 -13.88 -30.66 4.82
N ARG D 155 -13.26 -29.66 4.17
CA ARG D 155 -13.97 -28.53 3.59
C ARG D 155 -13.57 -28.40 2.13
N GLN D 156 -14.55 -28.34 1.24
CA GLN D 156 -14.30 -28.19 -0.19
C GLN D 156 -14.65 -26.81 -0.74
N ASN D 157 -15.67 -26.16 -0.18
CA ASN D 157 -16.11 -24.88 -0.69
C ASN D 157 -15.12 -23.79 -0.30
N GLY D 158 -14.91 -22.83 -1.21
CA GLY D 158 -14.08 -21.68 -0.92
C GLY D 158 -12.61 -21.85 -1.14
N VAL D 159 -12.20 -22.89 -1.86
CA VAL D 159 -10.79 -23.23 -2.09
C VAL D 159 -10.41 -22.77 -3.49
N LEU D 160 -9.27 -22.10 -3.63
CA LEU D 160 -8.76 -21.72 -4.94
C LEU D 160 -7.30 -22.13 -5.01
N ASN D 161 -6.91 -22.76 -6.13
CA ASN D 161 -5.57 -23.31 -6.27
C ASN D 161 -4.86 -22.65 -7.45
N SER D 162 -3.54 -22.59 -7.36
CA SER D 162 -2.73 -22.08 -8.45
C SER D 162 -1.42 -22.85 -8.52
N TRP D 163 -1.04 -23.29 -9.72
CA TRP D 163 0.20 -24.03 -9.94
C TRP D 163 1.18 -23.14 -10.72
N THR D 164 2.45 -23.18 -10.34
CA THR D 164 3.45 -22.52 -11.16
C THR D 164 3.74 -23.35 -12.41
N ASP D 165 4.33 -22.68 -13.40
CA ASP D 165 5.01 -23.38 -14.47
C ASP D 165 6.20 -24.18 -13.91
N GLN D 166 6.65 -25.17 -14.68
CA GLN D 166 7.80 -25.96 -14.27
C GLN D 166 9.02 -25.04 -14.05
N ASP D 167 9.70 -25.23 -12.92
CA ASP D 167 10.79 -24.33 -12.51
C ASP D 167 11.96 -24.38 -13.48
N SER D 168 12.49 -23.19 -13.82
CA SER D 168 13.56 -23.16 -14.84
C SER D 168 14.89 -23.70 -14.32
N LYS D 169 15.07 -23.77 -13.01
CA LYS D 169 16.32 -24.26 -12.43
C LYS D 169 16.25 -25.76 -12.14
N ASP D 170 15.29 -26.21 -11.33
CA ASP D 170 15.25 -27.59 -10.84
C ASP D 170 14.09 -28.41 -11.37
N SER D 171 13.29 -27.87 -12.30
CA SER D 171 12.25 -28.61 -13.01
C SER D 171 11.14 -29.11 -12.12
N THR D 172 10.99 -28.55 -10.91
CA THR D 172 9.90 -28.92 -10.02
C THR D 172 8.69 -28.01 -10.26
N TYR D 173 7.60 -28.36 -9.63
CA TYR D 173 6.37 -27.57 -9.60
C TYR D 173 6.09 -27.09 -8.18
N SER D 174 5.32 -26.01 -8.09
CA SER D 174 4.86 -25.54 -6.79
C SER D 174 3.38 -25.19 -6.93
N MET D 175 2.68 -25.23 -5.80
CA MET D 175 1.25 -24.95 -5.83
C MET D 175 0.89 -24.14 -4.59
N SER D 176 -0.07 -23.24 -4.75
CA SER D 176 -0.59 -22.47 -3.62
C SER D 176 -2.07 -22.80 -3.54
N SER D 177 -2.58 -23.00 -2.33
CA SER D 177 -3.99 -23.31 -2.13
C SER D 177 -4.50 -22.37 -1.04
N THR D 178 -5.60 -21.70 -1.31
CA THR D 178 -6.15 -20.70 -0.39
C THR D 178 -7.59 -21.05 -0.08
N LEU D 179 -7.90 -21.17 1.22
CA LEU D 179 -9.26 -21.35 1.71
C LEU D 179 -9.75 -20.01 2.25
N THR D 180 -10.81 -19.48 1.67
CA THR D 180 -11.35 -18.19 2.07
C THR D 180 -12.73 -18.37 2.72
N LEU D 181 -12.85 -17.90 3.97
CA LEU D 181 -14.05 -17.92 4.79
C LEU D 181 -14.40 -16.49 5.20
N THR D 182 -15.61 -16.30 5.71
CA THR D 182 -15.87 -15.05 6.43
C THR D 182 -15.09 -15.04 7.75
N LYS D 183 -14.82 -13.84 8.24
CA LYS D 183 -14.20 -13.70 9.56
C LYS D 183 -15.06 -14.38 10.64
N ASP D 184 -16.38 -14.20 10.59
CA ASP D 184 -17.21 -14.81 11.64
C ASP D 184 -17.14 -16.34 11.60
N GLU D 185 -17.12 -16.94 10.40
CA GLU D 185 -16.98 -18.40 10.38
C GLU D 185 -15.60 -18.83 10.83
N TYR D 186 -14.56 -18.13 10.34
CA TYR D 186 -13.21 -18.42 10.76
C TYR D 186 -13.10 -18.46 12.28
N GLU D 187 -13.73 -17.51 12.94
CA GLU D 187 -13.56 -17.37 14.37
C GLU D 187 -14.49 -18.30 15.14
N ARG D 188 -15.37 -19.04 14.44
CA ARG D 188 -16.15 -20.07 15.11
C ARG D 188 -15.46 -21.45 15.20
N HIS D 189 -14.25 -21.62 14.66
CA HIS D 189 -13.58 -22.91 14.67
C HIS D 189 -12.17 -22.74 15.21
N ASN D 190 -11.50 -23.87 15.48
CA ASN D 190 -10.20 -23.83 16.15
C ASN D 190 -9.05 -24.16 15.22
N SER D 191 -9.08 -25.33 14.58
CA SER D 191 -7.92 -25.80 13.84
C SER D 191 -8.17 -25.77 12.33
N TYR D 192 -7.09 -25.54 11.59
CA TYR D 192 -7.10 -25.44 10.15
C TYR D 192 -5.93 -26.28 9.66
N THR D 193 -6.18 -27.11 8.65
CA THR D 193 -5.20 -28.10 8.23
C THR D 193 -5.17 -28.17 6.72
N CYS D 194 -3.97 -28.23 6.13
CA CYS D 194 -3.88 -28.66 4.73
C CYS D 194 -3.11 -29.97 4.69
N GLU D 195 -3.67 -30.93 3.96
CA GLU D 195 -3.17 -32.29 3.83
C GLU D 195 -2.80 -32.52 2.37
N ALA D 196 -1.52 -32.78 2.11
CA ALA D 196 -1.00 -32.97 0.76
C ALA D 196 -0.75 -34.46 0.53
N THR D 197 -1.37 -35.01 -0.51
CA THR D 197 -1.07 -36.36 -0.97
C THR D 197 -0.30 -36.29 -2.28
N HIS D 198 0.85 -36.95 -2.31
CA HIS D 198 1.78 -36.96 -3.43
C HIS D 198 2.38 -38.35 -3.53
N LYS D 199 2.79 -38.73 -4.75
CA LYS D 199 3.27 -40.10 -4.92
C LYS D 199 4.57 -40.37 -4.16
N THR D 200 5.24 -39.34 -3.65
CA THR D 200 6.48 -39.49 -2.89
C THR D 200 6.22 -40.01 -1.48
N SER D 201 4.97 -40.13 -1.05
CA SER D 201 4.73 -40.67 0.29
C SER D 201 3.41 -41.42 0.34
N THR D 202 3.41 -42.53 1.11
CA THR D 202 2.18 -43.27 1.34
C THR D 202 1.22 -42.48 2.23
N SER D 203 1.75 -41.75 3.19
CA SER D 203 0.96 -40.95 4.13
C SER D 203 0.92 -39.49 3.68
N PRO D 204 -0.19 -38.78 3.82
CA PRO D 204 -0.19 -37.37 3.44
C PRO D 204 0.71 -36.56 4.37
N ILE D 205 1.17 -35.43 3.85
CA ILE D 205 1.86 -34.43 4.65
C ILE D 205 0.80 -33.54 5.25
N VAL D 206 0.81 -33.39 6.57
CA VAL D 206 -0.22 -32.65 7.26
C VAL D 206 0.41 -31.44 7.91
N LYS D 207 -0.13 -30.26 7.63
CA LYS D 207 0.33 -29.07 8.33
C LYS D 207 -0.88 -28.33 8.88
N SER D 208 -0.80 -27.90 10.13
CA SER D 208 -1.97 -27.29 10.76
C SER D 208 -1.55 -26.13 11.66
N PHE D 209 -2.54 -25.31 11.99
CA PHE D 209 -2.41 -24.46 13.17
C PHE D 209 -3.76 -24.43 13.88
N ASN D 210 -3.78 -23.92 15.11
CA ASN D 210 -5.08 -23.69 15.71
C ASN D 210 -5.06 -22.37 16.45
N ARG D 211 -6.25 -21.88 16.77
CA ARG D 211 -6.44 -20.55 17.31
C ARG D 211 -6.25 -20.47 18.82
N ASN D 212 -6.04 -21.60 19.50
CA ASN D 212 -5.63 -21.56 20.90
C ASN D 212 -4.12 -21.53 21.07
N GLU D 213 -3.35 -21.88 20.04
CA GLU D 213 -1.90 -21.85 20.10
C GLU D 213 -1.32 -20.49 20.44
N ASP E 1 -9.48 18.21 45.75
CA ASP E 1 -8.34 18.60 44.91
C ASP E 1 -8.42 20.06 44.53
N VAL E 2 -7.26 20.70 44.38
CA VAL E 2 -7.22 22.08 43.93
C VAL E 2 -7.52 22.11 42.43
N VAL E 3 -8.55 22.86 42.05
CA VAL E 3 -8.87 23.13 40.65
C VAL E 3 -8.23 24.47 40.29
N LEU E 4 -7.47 24.49 39.19
CA LEU E 4 -6.85 25.73 38.67
C LEU E 4 -7.61 26.10 37.40
N THR E 5 -8.19 27.28 37.38
CA THR E 5 -8.93 27.77 36.23
C THR E 5 -8.11 28.83 35.49
N GLN E 6 -7.73 28.54 34.26
CA GLN E 6 -6.91 29.44 33.45
C GLN E 6 -7.80 30.23 32.50
N SER E 7 -7.55 31.53 32.42
CA SER E 7 -8.29 32.41 31.55
C SER E 7 -7.32 33.38 30.89
N PRO E 8 -7.53 33.69 29.59
CA PRO E 8 -8.54 33.10 28.71
C PRO E 8 -8.08 31.73 28.19
N ALA E 9 -8.96 30.91 27.60
CA ALA E 9 -8.50 29.63 27.06
C ALA E 9 -7.61 29.83 25.84
N THR E 10 -7.90 30.84 25.03
CA THR E 10 -7.13 31.10 23.83
C THR E 10 -7.02 32.61 23.67
N LEU E 11 -5.90 33.06 23.13
CA LEU E 11 -5.69 34.50 22.95
C LEU E 11 -4.78 34.70 21.77
N SER E 12 -5.15 35.56 20.82
CA SER E 12 -4.29 35.89 19.70
C SER E 12 -3.72 37.28 19.93
N VAL E 13 -2.40 37.41 19.80
CA VAL E 13 -1.76 38.71 19.98
C VAL E 13 -0.64 38.93 18.95
N THR E 14 -0.42 40.16 18.65
CA THR E 14 0.62 40.53 17.68
C THR E 14 1.96 40.57 18.41
N PRO E 15 3.02 39.97 17.86
CA PRO E 15 4.35 40.09 18.48
C PRO E 15 4.63 41.55 18.83
N GLY E 16 5.11 41.77 20.05
CA GLY E 16 5.35 43.12 20.55
C GLY E 16 4.27 43.62 21.50
N ASP E 17 3.08 43.05 21.42
CA ASP E 17 2.05 43.30 22.44
C ASP E 17 2.47 42.71 23.79
N SER E 18 1.76 43.11 24.84
CA SER E 18 1.98 42.51 26.15
C SER E 18 0.69 41.86 26.62
N VAL E 19 0.82 40.76 27.36
CA VAL E 19 -0.34 40.01 27.83
C VAL E 19 -0.23 39.71 29.32
N SER E 20 -1.39 39.44 29.91
CA SER E 20 -1.50 38.99 31.30
C SER E 20 -2.40 37.76 31.29
N LEU E 21 -1.87 36.62 31.75
CA LEU E 21 -2.61 35.37 31.75
C LEU E 21 -3.00 35.07 33.17
N SER E 22 -4.24 34.63 33.39
CA SER E 22 -4.80 34.48 34.70
C SER E 22 -4.87 33.00 35.07
N CYS E 23 -4.58 32.71 36.35
CA CYS E 23 -4.76 31.37 36.91
C CYS E 23 -5.42 31.52 38.27
N ARG E 24 -6.59 30.93 38.47
CA ARG E 24 -7.33 31.13 39.72
C ARG E 24 -7.51 29.78 40.40
N ALA E 25 -7.15 29.70 41.67
CA ALA E 25 -7.22 28.44 42.40
C ALA E 25 -8.53 28.36 43.17
N SER E 26 -9.07 27.13 43.28
CA SER E 26 -10.35 26.92 43.98
C SER E 26 -10.22 27.08 45.49
N GLN E 27 -9.01 26.97 46.03
CA GLN E 27 -8.76 27.21 47.44
C GLN E 27 -7.37 27.85 47.56
N THR E 28 -7.06 28.42 48.73
CA THR E 28 -5.81 29.17 48.82
C THR E 28 -4.63 28.21 48.76
N ILE E 29 -3.57 28.60 48.02
CA ILE E 29 -2.42 27.73 47.82
C ILE E 29 -1.14 28.51 48.09
N SER E 30 -1.21 29.52 48.96
CA SER E 30 -0.04 30.34 49.30
C SER E 30 0.59 30.86 48.00
N ASP E 31 1.91 30.68 47.79
CA ASP E 31 2.60 31.04 46.57
C ASP E 31 3.03 29.80 45.79
N ASN E 32 2.39 28.66 46.03
CA ASN E 32 2.87 27.39 45.51
C ASN E 32 2.33 27.15 44.10
N LEU E 33 2.63 28.07 43.19
CA LEU E 33 2.01 28.09 41.86
C LEU E 33 3.11 28.34 40.84
N HIS E 34 3.25 27.45 39.85
CA HIS E 34 4.35 27.49 38.88
C HIS E 34 3.80 27.57 37.47
N TRP E 35 4.60 28.13 36.55
CA TRP E 35 4.18 28.33 35.17
C TRP E 35 5.13 27.65 34.20
N TYR E 36 4.55 27.01 33.17
CA TYR E 36 5.28 26.31 32.12
C TYR E 36 4.78 26.75 30.75
N LEU E 37 5.70 26.74 29.78
CA LEU E 37 5.37 26.96 28.38
C LEU E 37 5.65 25.67 27.63
N GLN E 38 4.68 25.20 26.85
CA GLN E 38 4.89 24.06 25.98
C GLN E 38 4.71 24.52 24.53
N LYS E 39 5.80 24.54 23.78
CA LYS E 39 5.67 24.90 22.38
C LYS E 39 5.29 23.67 21.57
N SER E 40 4.87 23.90 20.33
CA SER E 40 4.43 22.77 19.52
C SER E 40 5.58 21.82 19.29
N HIS E 41 5.29 20.52 19.42
CA HIS E 41 6.23 19.42 19.26
C HIS E 41 7.31 19.39 20.35
N GLU E 42 7.07 20.05 21.50
CA GLU E 42 8.10 20.08 22.53
C GLU E 42 7.49 19.71 23.87
N SER E 43 8.38 19.43 24.81
CA SER E 43 8.04 19.20 26.20
C SER E 43 7.78 20.52 26.91
N PRO E 44 7.05 20.49 28.03
CA PRO E 44 6.88 21.72 28.82
C PRO E 44 8.21 22.22 29.34
N ARG E 45 8.25 23.53 29.61
CA ARG E 45 9.44 24.21 30.09
C ARG E 45 9.07 25.15 31.21
N LEU E 46 9.75 25.01 32.35
CA LEU E 46 9.50 25.90 33.49
C LEU E 46 9.86 27.35 33.15
N LEU E 47 8.93 28.28 33.40
CA LEU E 47 9.13 29.71 33.22
C LEU E 47 9.31 30.45 34.54
N ILE E 48 8.46 30.13 35.51
CA ILE E 48 8.38 30.89 36.75
C ILE E 48 8.02 29.91 37.83
N LYS E 49 8.69 29.95 38.99
CA LYS E 49 8.27 29.05 40.06
C LYS E 49 7.87 29.87 41.28
N TYR E 50 7.02 29.28 42.13
CA TYR E 50 6.54 29.90 43.37
C TYR E 50 6.05 31.34 43.14
N SER E 51 5.12 31.44 42.19
CA SER E 51 4.39 32.64 41.80
C SER E 51 5.23 33.66 41.05
N SER E 52 6.43 33.99 41.56
CA SER E 52 7.18 35.13 41.03
C SER E 52 8.68 34.90 40.91
N GLN E 53 9.19 33.73 41.25
CA GLN E 53 10.64 33.53 41.28
C GLN E 53 11.18 33.27 39.88
N SER E 54 12.27 33.96 39.51
CA SER E 54 12.77 33.81 38.16
C SER E 54 13.64 32.58 38.03
N ILE E 55 13.78 32.12 36.78
CA ILE E 55 14.48 30.88 36.43
C ILE E 55 15.66 31.29 35.55
N SER E 56 16.87 30.81 35.87
CA SER E 56 17.99 31.20 35.03
C SER E 56 17.78 30.68 33.61
N GLY E 57 18.10 31.52 32.63
CA GLY E 57 17.89 31.16 31.23
C GLY E 57 16.56 31.60 30.64
N ILE E 58 15.61 32.00 31.46
CA ILE E 58 14.32 32.47 30.96
C ILE E 58 14.38 34.00 30.81
N PRO E 59 13.91 34.54 29.68
CA PRO E 59 14.03 35.99 29.44
C PRO E 59 13.25 36.80 30.46
N SER E 60 13.72 38.03 30.68
CA SER E 60 13.14 38.91 31.68
C SER E 60 11.75 39.37 31.31
N ARG E 61 11.34 39.22 30.05
CA ARG E 61 9.99 39.64 29.71
C ARG E 61 8.92 38.77 30.35
N PHE E 62 9.27 37.61 30.90
CA PHE E 62 8.31 36.82 31.66
C PHE E 62 8.36 37.22 33.13
N SER E 63 7.18 37.44 33.73
CA SER E 63 7.08 37.90 35.11
C SER E 63 5.85 37.26 35.72
N GLY E 64 5.92 36.86 36.99
CA GLY E 64 4.75 36.27 37.63
C GLY E 64 4.42 36.98 38.91
N SER E 65 3.13 36.92 39.28
CA SER E 65 2.73 37.51 40.55
C SER E 65 1.49 36.82 41.11
N GLY E 66 1.22 37.08 42.37
CA GLY E 66 0.02 36.58 43.02
C GLY E 66 0.30 35.75 44.25
N SER E 67 -0.69 35.65 45.14
CA SER E 67 -0.61 34.75 46.27
C SER E 67 -2.03 34.47 46.72
N GLY E 68 -2.24 33.29 47.31
CA GLY E 68 -3.59 32.95 47.75
C GLY E 68 -4.34 32.19 46.69
N THR E 69 -5.28 32.85 45.98
CA THR E 69 -6.02 32.19 44.92
C THR E 69 -5.86 32.80 43.52
N ASP E 70 -5.37 34.03 43.37
CA ASP E 70 -5.34 34.68 42.07
C ASP E 70 -3.91 34.97 41.61
N PHE E 71 -3.53 34.39 40.47
CA PHE E 71 -2.16 34.46 39.98
C PHE E 71 -2.16 35.00 38.56
N THR E 72 -1.06 35.66 38.21
CA THR E 72 -0.91 36.27 36.90
C THR E 72 0.46 35.98 36.33
N LEU E 73 0.51 35.61 35.06
CA LEU E 73 1.76 35.57 34.30
C LEU E 73 1.75 36.71 33.29
N ASN E 74 2.68 37.64 33.42
CA ASN E 74 2.85 38.72 32.46
C ASN E 74 3.91 38.35 31.45
N ILE E 75 3.63 38.65 30.18
CA ILE E 75 4.63 38.57 29.11
C ILE E 75 4.67 39.95 28.48
N ASN E 76 5.78 40.65 28.68
CA ASN E 76 5.89 42.03 28.28
C ASN E 76 6.71 42.11 26.99
N SER E 77 6.02 42.46 25.90
CA SER E 77 6.56 42.40 24.53
C SER E 77 6.79 40.95 24.11
N VAL E 78 5.68 40.26 23.83
CA VAL E 78 5.73 38.87 23.39
C VAL E 78 6.57 38.75 22.12
N GLU E 79 7.45 37.76 22.09
CA GLU E 79 8.27 37.51 20.92
C GLU E 79 7.74 36.30 20.16
N THR E 80 8.15 36.20 18.87
CA THR E 80 7.69 35.09 18.03
C THR E 80 7.93 33.74 18.70
N GLU E 81 9.07 33.59 19.36
CA GLU E 81 9.39 32.30 19.96
C GLU E 81 8.56 31.95 21.20
N ASP E 82 7.72 32.86 21.71
CA ASP E 82 6.94 32.66 22.92
C ASP E 82 5.56 32.04 22.69
N PHE E 83 5.12 31.86 21.44
CA PHE E 83 3.77 31.37 21.23
C PHE E 83 3.69 29.88 21.50
N GLY E 84 2.57 29.45 22.09
CA GLY E 84 2.49 28.09 22.57
C GLY E 84 1.44 28.02 23.68
N MET E 85 1.46 26.91 24.42
CA MET E 85 0.47 26.70 25.47
C MET E 85 1.11 26.99 26.83
N TYR E 86 0.41 27.79 27.66
CA TYR E 86 0.90 28.19 28.97
C TYR E 86 0.08 27.48 30.03
N PHE E 87 0.73 26.71 30.89
CA PHE E 87 0.05 25.97 31.96
C PHE E 87 0.50 26.50 33.31
N CYS E 88 -0.43 26.53 34.27
CA CYS E 88 -0.08 26.72 35.68
C CYS E 88 -0.25 25.40 36.43
N GLN E 89 0.41 25.31 37.59
CA GLN E 89 0.43 24.04 38.31
C GLN E 89 0.69 24.34 39.79
N GLN E 90 0.02 23.62 40.69
CA GLN E 90 0.20 23.90 42.10
C GLN E 90 0.87 22.74 42.83
N THR E 91 1.67 23.09 43.84
CA THR E 91 2.33 22.11 44.72
C THR E 91 1.99 22.31 46.20
N ASN E 92 0.85 22.95 46.49
CA ASN E 92 0.43 23.16 47.86
C ASN E 92 -0.12 21.89 48.49
N SER E 93 -0.72 21.00 47.72
CA SER E 93 -1.35 19.81 48.30
C SER E 93 -1.45 18.73 47.26
N TRP E 94 -1.51 17.47 47.73
CA TRP E 94 -1.74 16.34 46.85
C TRP E 94 -3.24 16.19 46.59
N PRO E 95 -3.64 15.80 45.37
CA PRO E 95 -2.79 15.51 44.21
C PRO E 95 -2.26 16.78 43.58
N LEU E 96 -1.07 16.68 42.99
CA LEU E 96 -0.57 17.78 42.18
C LEU E 96 -1.51 17.98 41.00
N THR E 97 -1.86 19.23 40.70
CA THR E 97 -2.84 19.50 39.64
C THR E 97 -2.34 20.65 38.77
N PHE E 98 -2.86 20.67 37.53
CA PHE E 98 -2.53 21.64 36.49
C PHE E 98 -3.80 22.36 36.05
N GLY E 99 -3.64 23.61 35.62
CA GLY E 99 -4.67 24.25 34.84
C GLY E 99 -4.75 23.65 33.44
N ALA E 100 -5.85 23.96 32.74
CA ALA E 100 -6.10 23.39 31.42
C ALA E 100 -5.31 24.07 30.31
N GLY E 101 -4.64 25.18 30.62
CA GLY E 101 -3.81 25.85 29.63
C GLY E 101 -4.44 27.04 28.95
N THR E 102 -3.61 28.05 28.65
CA THR E 102 -3.97 29.15 27.77
C THR E 102 -3.15 29.00 26.49
N LYS E 103 -3.83 28.94 25.34
CA LYS E 103 -3.11 28.83 24.06
C LYS E 103 -2.87 30.25 23.54
N LEU E 104 -1.62 30.64 23.43
CA LEU E 104 -1.23 31.93 22.87
C LEU E 104 -0.88 31.73 21.41
N GLU E 105 -1.65 32.37 20.53
CA GLU E 105 -1.46 32.25 19.08
C GLU E 105 -1.09 33.61 18.49
N LEU E 106 -0.44 33.56 17.34
CA LEU E 106 0.19 34.74 16.76
C LEU E 106 -0.80 35.43 15.81
N LYS E 107 -1.07 36.71 16.08
CA LYS E 107 -1.93 37.52 15.22
C LYS E 107 -1.11 38.15 14.10
N ARG E 108 -1.55 37.96 12.86
CA ARG E 108 -0.90 38.50 11.68
C ARG E 108 -1.94 39.17 10.79
N THR E 109 -1.53 39.62 9.60
CA THR E 109 -2.50 40.22 8.68
C THR E 109 -3.45 39.16 8.14
N ASP E 110 -4.62 39.60 7.69
CA ASP E 110 -5.58 38.66 7.13
C ASP E 110 -5.06 38.05 5.83
N ALA E 111 -5.49 36.83 5.57
CA ALA E 111 -5.08 36.12 4.37
C ALA E 111 -6.24 35.24 3.93
N ALA E 112 -6.59 35.33 2.64
CA ALA E 112 -7.71 34.54 2.13
C ALA E 112 -7.28 33.11 1.84
N PRO E 113 -8.19 32.15 1.99
CA PRO E 113 -7.83 30.74 1.75
C PRO E 113 -7.73 30.41 0.28
N THR E 114 -6.86 29.46 -0.03
CA THR E 114 -6.81 28.85 -1.35
C THR E 114 -7.62 27.56 -1.28
N VAL E 115 -8.68 27.47 -2.08
CA VAL E 115 -9.67 26.40 -1.96
C VAL E 115 -9.55 25.46 -3.16
N SER E 116 -9.51 24.16 -2.88
CA SER E 116 -9.42 23.14 -3.91
C SER E 116 -10.37 22.00 -3.58
N ILE E 117 -11.10 21.50 -4.58
CA ILE E 117 -12.01 20.36 -4.38
C ILE E 117 -11.57 19.15 -5.19
N PHE E 118 -11.80 17.96 -4.64
CA PHE E 118 -11.33 16.71 -5.25
C PHE E 118 -12.44 15.66 -5.24
N PRO E 119 -12.70 15.03 -6.38
CA PRO E 119 -13.70 13.95 -6.44
C PRO E 119 -13.18 12.69 -5.77
N PRO E 120 -14.08 11.77 -5.45
CA PRO E 120 -13.67 10.44 -5.00
C PRO E 120 -12.75 9.78 -6.02
N SER E 121 -11.77 9.07 -5.52
CA SER E 121 -10.90 8.28 -6.38
C SER E 121 -11.66 7.06 -6.90
N SER E 122 -11.28 6.61 -8.08
CA SER E 122 -11.89 5.36 -8.55
C SER E 122 -11.54 4.21 -7.61
N GLU E 123 -10.36 4.27 -6.98
CA GLU E 123 -9.96 3.23 -6.03
C GLU E 123 -10.95 3.14 -4.88
N GLN E 124 -11.29 4.28 -4.28
CA GLN E 124 -12.26 4.26 -3.19
C GLN E 124 -13.62 3.76 -3.65
N LEU E 125 -14.07 4.19 -4.84
CA LEU E 125 -15.37 3.74 -5.33
C LEU E 125 -15.44 2.23 -5.44
N THR E 126 -14.32 1.56 -5.80
CA THR E 126 -14.40 0.10 -5.84
C THR E 126 -14.70 -0.53 -4.48
N SER E 127 -14.55 0.22 -3.39
CA SER E 127 -14.82 -0.30 -2.06
C SER E 127 -16.20 0.05 -1.53
N GLY E 128 -17.03 0.74 -2.32
CA GLY E 128 -18.38 1.06 -1.93
C GLY E 128 -18.55 2.41 -1.25
N GLY E 129 -17.47 3.13 -1.04
CA GLY E 129 -17.48 4.43 -0.39
C GLY E 129 -17.12 5.54 -1.35
N ALA E 130 -17.40 6.78 -0.99
CA ALA E 130 -17.06 7.92 -1.84
C ALA E 130 -16.83 9.13 -0.94
N SER E 131 -15.60 9.56 -0.85
CA SER E 131 -15.24 10.75 -0.10
C SER E 131 -14.88 11.88 -1.06
N VAL E 132 -15.50 13.03 -0.86
CA VAL E 132 -15.21 14.26 -1.60
C VAL E 132 -14.42 15.15 -0.66
N VAL E 133 -13.28 15.65 -1.11
CA VAL E 133 -12.38 16.37 -0.21
C VAL E 133 -12.23 17.82 -0.65
N CYS E 134 -12.24 18.73 0.32
CA CYS E 134 -12.00 20.15 0.10
C CYS E 134 -10.84 20.60 0.97
N PHE E 135 -9.81 21.20 0.37
CA PHE E 135 -8.72 21.81 1.14
C PHE E 135 -8.89 23.32 1.11
N LEU E 136 -8.76 23.96 2.25
CA LEU E 136 -8.87 25.41 2.41
C LEU E 136 -7.54 25.82 3.06
N ASN E 137 -6.58 26.30 2.26
CA ASN E 137 -5.20 26.38 2.73
C ASN E 137 -4.72 27.82 2.96
N ASN E 138 -3.96 28.01 4.03
CA ASN E 138 -3.17 29.22 4.31
C ASN E 138 -4.02 30.48 4.42
N PHE E 139 -4.92 30.46 5.39
CA PHE E 139 -5.79 31.61 5.64
C PHE E 139 -5.58 32.14 7.05
N TYR E 140 -6.01 33.39 7.26
CA TYR E 140 -5.94 33.99 8.58
C TYR E 140 -7.01 35.08 8.62
N PRO E 141 -7.81 35.18 9.68
CA PRO E 141 -7.83 34.42 10.94
C PRO E 141 -8.44 33.01 10.81
N LYS E 142 -8.43 32.28 11.94
CA LYS E 142 -8.77 30.86 11.97
C LYS E 142 -10.26 30.62 11.69
N ASP E 143 -11.12 31.57 12.00
CA ASP E 143 -12.55 31.35 11.85
C ASP E 143 -12.91 31.26 10.37
N ILE E 144 -13.55 30.14 10.00
CA ILE E 144 -13.96 29.92 8.63
C ILE E 144 -15.16 28.98 8.65
N ASN E 145 -16.03 29.10 7.66
CA ASN E 145 -17.19 28.24 7.56
C ASN E 145 -17.16 27.54 6.21
N VAL E 146 -17.35 26.22 6.20
CA VAL E 146 -17.47 25.47 4.96
C VAL E 146 -18.89 24.92 4.89
N LYS E 147 -19.52 25.09 3.72
CA LYS E 147 -20.82 24.49 3.43
C LYS E 147 -20.64 23.56 2.24
N TRP E 148 -21.11 22.32 2.37
CA TRP E 148 -21.14 21.40 1.24
C TRP E 148 -22.49 21.47 0.56
N LYS E 149 -22.48 21.39 -0.77
CA LYS E 149 -23.72 21.28 -1.54
C LYS E 149 -23.62 20.14 -2.53
N ILE E 150 -24.74 19.44 -2.69
CA ILE E 150 -24.90 18.39 -3.69
C ILE E 150 -26.00 18.85 -4.62
N ASP E 151 -25.70 18.92 -5.92
CA ASP E 151 -26.66 19.48 -6.88
C ASP E 151 -27.24 20.80 -6.37
N GLY E 152 -26.39 21.61 -5.72
CA GLY E 152 -26.78 22.93 -5.25
C GLY E 152 -27.52 23.00 -3.93
N SER E 153 -27.78 21.87 -3.27
CA SER E 153 -28.53 21.83 -2.02
C SER E 153 -27.60 21.49 -0.87
N GLU E 154 -27.71 22.24 0.22
CA GLU E 154 -26.84 22.04 1.36
C GLU E 154 -26.93 20.61 1.88
N ARG E 155 -25.76 20.05 2.23
CA ARG E 155 -25.66 18.76 2.91
C ARG E 155 -24.82 18.94 4.18
N GLN E 156 -25.38 18.53 5.31
CA GLN E 156 -24.66 18.61 6.58
C GLN E 156 -24.18 17.27 7.09
N ASN E 157 -24.92 16.20 6.83
CA ASN E 157 -24.53 14.88 7.33
C ASN E 157 -23.35 14.31 6.56
N GLY E 158 -22.46 13.64 7.28
CA GLY E 158 -21.34 12.96 6.66
C GLY E 158 -20.10 13.79 6.46
N VAL E 159 -20.01 14.94 7.12
CA VAL E 159 -18.90 15.88 6.97
C VAL E 159 -17.97 15.75 8.16
N LEU E 160 -16.67 15.66 7.89
CA LEU E 160 -15.66 15.68 8.94
C LEU E 160 -14.60 16.72 8.59
N ASN E 161 -14.23 17.54 9.58
CA ASN E 161 -13.30 18.64 9.38
C ASN E 161 -12.05 18.45 10.25
N SER E 162 -10.93 18.97 9.75
CA SER E 162 -9.70 18.98 10.51
C SER E 162 -8.93 20.26 10.23
N TRP E 163 -8.45 20.91 11.29
CA TRP E 163 -7.66 22.14 11.19
C TRP E 163 -6.21 21.85 11.57
N THR E 164 -5.26 22.41 10.82
CA THR E 164 -3.89 22.35 11.25
C THR E 164 -3.66 23.31 12.41
N ASP E 165 -2.57 23.07 13.14
CA ASP E 165 -1.98 24.07 14.00
C ASP E 165 -1.51 25.27 13.18
N GLN E 166 -1.37 26.41 13.85
CA GLN E 166 -0.85 27.60 13.17
C GLN E 166 0.51 27.31 12.54
N ASP E 167 0.66 27.71 11.27
CA ASP E 167 1.86 27.38 10.48
C ASP E 167 3.11 28.01 11.06
N SER E 168 4.20 27.23 11.13
CA SER E 168 5.41 27.76 11.77
C SER E 168 6.14 28.79 10.91
N LYS E 169 5.86 28.83 9.60
CA LYS E 169 6.52 29.80 8.74
C LYS E 169 5.70 31.07 8.60
N ASP E 170 4.44 30.96 8.16
CA ASP E 170 3.65 32.14 7.79
C ASP E 170 2.46 32.40 8.71
N SER E 171 2.30 31.61 9.79
CA SER E 171 1.33 31.86 10.85
C SER E 171 -0.12 31.77 10.37
N THR E 172 -0.36 31.11 9.23
CA THR E 172 -1.70 30.88 8.73
C THR E 172 -2.23 29.54 9.24
N TYR E 173 -3.50 29.32 9.00
CA TYR E 173 -4.19 28.05 9.27
C TYR E 173 -4.62 27.40 7.97
N SER E 174 -4.83 26.08 8.03
CA SER E 174 -5.39 25.34 6.92
C SER E 174 -6.41 24.38 7.47
N MET E 175 -7.37 24.01 6.63
CA MET E 175 -8.44 23.13 7.05
C MET E 175 -8.74 22.16 5.91
N SER E 176 -9.08 20.94 6.27
CA SER E 176 -9.53 19.94 5.30
C SER E 176 -10.93 19.55 5.70
N SER E 177 -11.82 19.41 4.72
CA SER E 177 -13.20 19.03 4.97
C SER E 177 -13.53 17.89 4.01
N THR E 178 -14.09 16.81 4.56
CA THR E 178 -14.36 15.62 3.77
C THR E 178 -15.82 15.26 3.92
N LEU E 179 -16.52 15.12 2.80
CA LEU E 179 -17.90 14.64 2.74
C LEU E 179 -17.88 13.18 2.29
N THR E 180 -18.38 12.29 3.14
CA THR E 180 -18.36 10.87 2.80
C THR E 180 -19.78 10.35 2.62
N LEU E 181 -20.04 9.78 1.44
CA LEU E 181 -21.31 9.20 1.03
C LEU E 181 -21.09 7.75 0.62
N THR E 182 -22.17 6.99 0.49
CA THR E 182 -22.04 5.73 -0.23
C THR E 182 -21.78 5.98 -1.71
N LYS E 183 -21.17 4.99 -2.35
CA LYS E 183 -20.98 5.04 -3.80
C LYS E 183 -22.31 5.19 -4.52
N ASP E 184 -23.34 4.45 -4.10
CA ASP E 184 -24.63 4.54 -4.79
C ASP E 184 -25.26 5.94 -4.65
N GLU E 185 -25.13 6.56 -3.47
CA GLU E 185 -25.67 7.92 -3.39
C GLU E 185 -24.83 8.89 -4.22
N TYR E 186 -23.51 8.76 -4.11
CA TYR E 186 -22.61 9.60 -4.89
C TYR E 186 -22.99 9.58 -6.37
N GLU E 187 -23.29 8.40 -6.87
CA GLU E 187 -23.53 8.23 -8.30
C GLU E 187 -24.96 8.57 -8.68
N ARG E 188 -25.81 8.89 -7.70
CA ARG E 188 -27.13 9.41 -8.02
C ARG E 188 -27.20 10.93 -8.20
N HIS E 189 -26.10 11.66 -8.05
CA HIS E 189 -26.12 13.11 -8.14
C HIS E 189 -25.02 13.57 -9.10
N ASN E 190 -25.03 14.86 -9.47
CA ASN E 190 -24.16 15.37 -10.52
C ASN E 190 -23.05 16.26 -9.96
N SER E 191 -23.40 17.31 -9.26
CA SER E 191 -22.42 18.29 -8.85
C SER E 191 -22.16 18.28 -7.34
N TYR E 192 -20.93 18.60 -6.98
CA TYR E 192 -20.47 18.64 -5.61
C TYR E 192 -19.71 19.94 -5.44
N THR E 193 -19.99 20.66 -4.35
CA THR E 193 -19.50 22.00 -4.16
C THR E 193 -19.06 22.19 -2.73
N CYS E 194 -17.91 22.83 -2.51
CA CYS E 194 -17.59 23.35 -1.18
C CYS E 194 -17.52 24.87 -1.29
N GLU E 195 -18.20 25.51 -0.35
CA GLU E 195 -18.36 26.96 -0.28
C GLU E 195 -17.72 27.44 1.01
N ALA E 196 -16.68 28.27 0.90
CA ALA E 196 -15.94 28.77 2.04
C ALA E 196 -16.31 30.21 2.30
N THR E 197 -16.75 30.51 3.51
CA THR E 197 -16.96 31.88 3.97
C THR E 197 -15.89 32.26 4.97
N HIS E 198 -15.26 33.41 4.72
CA HIS E 198 -14.13 33.90 5.49
C HIS E 198 -14.21 35.42 5.51
N LYS E 199 -13.67 36.04 6.56
CA LYS E 199 -13.81 37.48 6.68
C LYS E 199 -13.09 38.25 5.59
N THR E 200 -12.23 37.59 4.82
CA THR E 200 -11.50 38.23 3.73
C THR E 200 -12.35 38.47 2.50
N SER E 201 -13.58 37.98 2.45
CA SER E 201 -14.43 38.23 1.30
C SER E 201 -15.89 38.33 1.70
N THR E 202 -16.61 39.25 1.04
CA THR E 202 -18.04 39.37 1.24
C THR E 202 -18.78 38.17 0.66
N SER E 203 -18.31 37.66 -0.48
CA SER E 203 -18.90 36.53 -1.17
C SER E 203 -18.14 35.26 -0.83
N PRO E 204 -18.79 34.12 -0.69
CA PRO E 204 -18.04 32.88 -0.44
C PRO E 204 -17.21 32.50 -1.66
N ILE E 205 -16.14 31.76 -1.38
CA ILE E 205 -15.36 31.11 -2.43
C ILE E 205 -16.02 29.78 -2.73
N VAL E 206 -16.34 29.55 -3.99
CA VAL E 206 -17.08 28.36 -4.39
C VAL E 206 -16.18 27.53 -5.30
N LYS E 207 -15.99 26.27 -4.95
CA LYS E 207 -15.31 25.35 -5.87
C LYS E 207 -16.18 24.12 -6.07
N SER E 208 -16.30 23.67 -7.32
CA SER E 208 -17.18 22.54 -7.60
C SER E 208 -16.57 21.64 -8.66
N PHE E 209 -17.12 20.43 -8.74
CA PHE E 209 -17.00 19.63 -9.96
C PHE E 209 -18.34 18.95 -10.22
N ASN E 210 -18.50 18.39 -11.41
CA ASN E 210 -19.68 17.56 -11.63
C ASN E 210 -19.27 16.34 -12.43
N ARG E 211 -20.15 15.34 -12.43
CA ARG E 211 -19.86 14.04 -13.01
C ARG E 211 -20.12 13.95 -14.51
N ASN E 212 -20.65 15.01 -15.13
CA ASN E 212 -20.69 15.07 -16.59
C ASN E 212 -19.45 15.71 -17.20
N GLU E 213 -18.68 16.45 -16.43
CA GLU E 213 -17.39 17.01 -16.86
C GLU E 213 -16.42 15.90 -17.28
N ALA F 2 4.55 23.28 49.12
CA ALA F 2 4.33 22.81 50.51
C ALA F 2 4.38 21.31 50.62
N VAL F 3 4.21 20.58 49.50
CA VAL F 3 4.40 19.14 49.59
C VAL F 3 5.84 18.75 49.88
N GLY F 4 6.78 19.69 49.75
CA GLY F 4 8.14 19.48 50.27
C GLY F 4 9.02 18.53 49.49
N LEU F 5 8.96 18.55 48.18
CA LEU F 5 9.73 17.62 47.33
C LEU F 5 11.13 18.11 46.96
N GLY F 6 11.49 19.34 47.31
CA GLY F 6 12.80 19.88 46.91
C GLY F 6 13.98 19.09 47.48
N ALA F 7 14.98 18.90 46.63
CA ALA F 7 16.17 18.15 47.00
C ALA F 7 16.97 18.90 48.07
N VAL F 8 17.49 18.13 49.04
CA VAL F 8 18.43 18.68 50.01
C VAL F 8 19.70 17.83 49.98
N PHE F 9 20.82 18.46 50.30
CA PHE F 9 22.11 17.80 50.20
C PHE F 9 22.79 17.74 51.58
S SO4 G . 23.08 -29.51 -35.02
O1 SO4 G . 22.76 -28.75 -33.81
O2 SO4 G . 22.84 -30.92 -34.78
O3 SO4 G . 24.49 -29.34 -35.33
O4 SO4 G . 22.29 -29.09 -36.19
S SO4 H . 16.62 39.18 28.60
O1 SO4 H . 17.98 39.68 28.42
O2 SO4 H . 16.52 38.53 29.90
O3 SO4 H . 15.72 40.32 28.54
O4 SO4 H . 16.33 38.27 27.48
#